data_1KWG
#
_entry.id   1KWG
#
_cell.length_a   97.737
_cell.length_b   97.737
_cell.length_c   129.370
_cell.angle_alpha   90.00
_cell.angle_beta   90.00
_cell.angle_gamma   120.00
#
_symmetry.space_group_name_H-M   'P 3 2 1'
#
loop_
_entity.id
_entity.type
_entity.pdbx_description
1 polymer BETA-GALACTOSIDASE
2 non-polymer 'CHLORIDE ION'
3 non-polymer 'ACETATE ION'
4 non-polymer 'ZINC ION'
5 non-polymer (4S)-2-METHYL-2,4-PENTANEDIOL
6 water water
#
_entity_poly.entity_id   1
_entity_poly.type   'polypeptide(L)'
_entity_poly.pdbx_seq_one_letter_code
;MLGVCYYPEHWPKERWKEDARRMREAGLSHVRIGEFAWALLEPEPGRLEWGWLDEAIATLAAEGLKVVLGTPTATPPKWL
VDRYPEILPVDREGRRRRFGGRRHYCFSSPVYREEARRIVTLLAERYGGLEAVAGFQTDNEYGCHDTVRCYCPRCQEAFR
GWLEARYGTIEALNEAWGTAFWSQRYRSFAEVELPHLTVAEPNPSHLLDYYRFASDQVRAFNRLQVEILRAHAPGKFVTH
NFMGFFTDLDAFALAQDLDFASWDSYPLGFTDLMPLPPEEKLRYARTGHPDVAAFHHDLYRGVGRGRFWVMEQQPGPVNW
APHNPSPAPGMVRLWTWEALAHGAEVVSYFRWRQAPFAQEQMHAGLHRPDSAPDQGFFEAKRVAEELAALALPPVAQAPV
ALVFDYEAAWIYEVQPQGAEWSYLGLVYLFYSALRRLGLDVDVVPPGASLRGYAFAVVPSLPIVREEALEAFREAEGPVL
FGPRSGSKTETFQIPKELPPGPLQALLPLKVVRVESLPPGLLEVAEGALGRFPLGLWREWVEAPLKPLLTFQDGKGALYR
EGRYLYLAAWPSPELAGRLLSALAAEAGLKVLSLPEGLRLRRRGTWVFAFNYGPEAVEAPASEGARFLLGSRRVGPYDLA
VWEEA
;
_entity_poly.pdbx_strand_id   A
#
# COMPACT_ATOMS: atom_id res chain seq x y z
N MET A 1 0.89 2.82 21.23
CA MET A 1 -0.50 2.44 21.59
C MET A 1 -0.92 1.22 20.77
N LEU A 2 -1.57 0.26 21.44
CA LEU A 2 -2.03 -0.95 20.77
C LEU A 2 -3.54 -1.01 20.79
N GLY A 3 -4.11 -1.62 19.74
CA GLY A 3 -5.56 -1.72 19.67
C GLY A 3 -5.97 -3.08 19.15
N VAL A 4 -7.26 -3.25 18.91
CA VAL A 4 -7.77 -4.51 18.39
C VAL A 4 -9.08 -4.30 17.64
N CYS A 5 -9.34 -5.18 16.67
CA CYS A 5 -10.55 -5.15 15.88
C CYS A 5 -11.47 -6.12 16.60
N TYR A 6 -12.66 -5.64 16.97
CA TYR A 6 -13.61 -6.44 17.74
C TYR A 6 -15.00 -6.49 17.11
N TYR A 7 -15.68 -7.61 17.30
CA TYR A 7 -17.00 -7.80 16.73
C TYR A 7 -18.01 -8.23 17.80
N PRO A 8 -18.51 -7.26 18.57
CA PRO A 8 -19.48 -7.60 19.62
C PRO A 8 -20.69 -8.32 19.06
N GLU A 9 -21.05 -8.02 17.80
CA GLU A 9 -22.21 -8.64 17.18
C GLU A 9 -22.02 -10.12 16.84
N HIS A 10 -20.83 -10.66 17.10
CA HIS A 10 -20.56 -12.06 16.83
C HIS A 10 -20.60 -12.88 18.11
N TRP A 11 -20.72 -12.21 19.24
CA TRP A 11 -20.72 -12.88 20.54
C TRP A 11 -21.91 -12.55 21.42
N PRO A 12 -22.22 -13.45 22.38
CA PRO A 12 -23.34 -13.21 23.29
C PRO A 12 -23.02 -11.94 24.08
N LYS A 13 -24.03 -11.10 24.32
CA LYS A 13 -23.83 -9.87 25.06
C LYS A 13 -23.14 -10.08 26.40
N GLU A 14 -23.41 -11.21 27.04
CA GLU A 14 -22.82 -11.53 28.34
C GLU A 14 -21.30 -11.57 28.30
N ARG A 15 -20.74 -11.68 27.10
CA ARG A 15 -19.29 -11.76 26.95
C ARG A 15 -18.61 -10.39 26.81
N TRP A 16 -19.39 -9.39 26.41
CA TRP A 16 -18.87 -8.04 26.20
C TRP A 16 -18.11 -7.42 27.36
N LYS A 17 -18.71 -7.41 28.54
CA LYS A 17 -18.06 -6.82 29.70
C LYS A 17 -16.72 -7.51 29.98
N GLU A 18 -16.70 -8.84 29.81
CA GLU A 18 -15.48 -9.59 30.03
C GLU A 18 -14.43 -9.25 28.99
N ASP A 19 -14.85 -9.13 27.74
CA ASP A 19 -13.92 -8.80 26.66
C ASP A 19 -13.30 -7.43 26.90
N ALA A 20 -14.13 -6.45 27.25
CA ALA A 20 -13.66 -5.08 27.50
C ALA A 20 -12.66 -5.07 28.65
N ARG A 21 -12.95 -5.80 29.72
CA ARG A 21 -12.05 -5.86 30.86
C ARG A 21 -10.71 -6.44 30.44
N ARG A 22 -10.74 -7.54 29.70
CA ARG A 22 -9.52 -8.21 29.26
C ARG A 22 -8.71 -7.37 28.28
N MET A 23 -9.38 -6.51 27.52
CA MET A 23 -8.70 -5.65 26.57
C MET A 23 -7.89 -4.63 27.37
N ARG A 24 -8.49 -4.11 28.43
CA ARG A 24 -7.81 -3.14 29.29
C ARG A 24 -6.63 -3.81 30.01
N GLU A 25 -6.87 -5.00 30.54
CA GLU A 25 -5.82 -5.73 31.26
C GLU A 25 -4.64 -6.05 30.35
N ALA A 26 -4.92 -6.26 29.06
CA ALA A 26 -3.88 -6.58 28.09
C ALA A 26 -3.03 -5.36 27.76
N GLY A 27 -3.57 -4.17 28.03
CA GLY A 27 -2.84 -2.95 27.74
C GLY A 27 -3.26 -2.26 26.46
N LEU A 28 -4.41 -2.66 25.91
CA LEU A 28 -4.91 -2.05 24.69
C LEU A 28 -5.57 -0.70 24.98
N SER A 29 -5.54 0.20 23.99
CA SER A 29 -6.11 1.53 24.16
C SER A 29 -7.24 1.85 23.18
N HIS A 30 -7.22 1.19 22.03
CA HIS A 30 -8.24 1.43 20.99
C HIS A 30 -8.91 0.15 20.53
N VAL A 31 -10.18 0.27 20.15
CA VAL A 31 -10.97 -0.87 19.67
C VAL A 31 -11.80 -0.43 18.48
N ARG A 32 -11.65 -1.12 17.35
CA ARG A 32 -12.42 -0.78 16.15
C ARG A 32 -13.61 -1.71 16.05
N ILE A 33 -14.79 -1.14 15.76
CA ILE A 33 -16.01 -1.94 15.63
C ILE A 33 -16.97 -1.33 14.61
N GLY A 34 -17.93 -2.15 14.18
CA GLY A 34 -18.99 -1.69 13.29
C GLY A 34 -18.93 -1.66 11.78
N GLU A 35 -17.78 -1.91 11.16
CA GLU A 35 -17.71 -1.83 9.71
C GLU A 35 -18.56 -2.86 8.94
N PHE A 36 -18.95 -3.94 9.57
CA PHE A 36 -19.77 -4.96 8.90
C PHE A 36 -21.11 -5.14 9.61
N ALA A 37 -21.55 -4.11 10.32
CA ALA A 37 -22.79 -4.22 11.09
C ALA A 37 -24.08 -3.66 10.52
N TRP A 38 -24.11 -3.25 9.26
CA TRP A 38 -25.35 -2.69 8.71
C TRP A 38 -26.56 -3.60 8.88
N ALA A 39 -26.42 -4.88 8.57
CA ALA A 39 -27.54 -5.81 8.70
C ALA A 39 -28.05 -5.93 10.12
N LEU A 40 -27.17 -5.65 11.09
CA LEU A 40 -27.56 -5.73 12.50
C LEU A 40 -28.14 -4.40 12.99
N LEU A 41 -27.75 -3.30 12.34
CA LEU A 41 -28.26 -1.98 12.71
C LEU A 41 -29.60 -1.72 12.04
N GLU A 42 -29.79 -2.28 10.85
CA GLU A 42 -31.02 -2.10 10.11
C GLU A 42 -31.45 -3.44 9.52
N PRO A 43 -31.86 -4.39 10.39
CA PRO A 43 -32.29 -5.72 9.96
C PRO A 43 -33.54 -5.67 9.07
N GLU A 44 -34.39 -4.69 9.34
CA GLU A 44 -35.61 -4.47 8.57
C GLU A 44 -35.50 -3.07 7.95
N PRO A 45 -35.89 -2.92 6.69
CA PRO A 45 -35.81 -1.62 6.01
C PRO A 45 -36.45 -0.48 6.81
N GLY A 46 -35.68 0.56 7.11
CA GLY A 46 -36.21 1.69 7.84
C GLY A 46 -36.35 1.52 9.34
N ARG A 47 -36.09 0.32 9.84
CA ARG A 47 -36.18 0.06 11.27
C ARG A 47 -34.79 -0.10 11.86
N LEU A 48 -34.28 0.98 12.47
CA LEU A 48 -32.95 0.95 13.08
C LEU A 48 -32.96 0.38 14.48
N GLU A 49 -31.95 -0.41 14.78
CA GLU A 49 -31.78 -1.03 16.09
C GLU A 49 -30.40 -0.67 16.62
N TRP A 50 -30.31 0.49 17.26
CA TRP A 50 -29.05 0.99 17.82
C TRP A 50 -28.74 0.41 19.19
N GLY A 51 -29.76 -0.13 19.85
CA GLY A 51 -29.58 -0.69 21.18
C GLY A 51 -28.29 -1.42 21.47
N TRP A 52 -28.04 -2.51 20.75
CA TRP A 52 -26.83 -3.29 20.98
C TRP A 52 -25.54 -2.52 20.74
N LEU A 53 -25.52 -1.65 19.74
CA LEU A 53 -24.30 -0.88 19.46
C LEU A 53 -24.09 0.17 20.56
N ASP A 54 -25.17 0.79 21.03
CA ASP A 54 -25.06 1.77 22.09
C ASP A 54 -24.41 1.08 23.29
N GLU A 55 -24.91 -0.12 23.58
CA GLU A 55 -24.41 -0.89 24.72
C GLU A 55 -22.96 -1.33 24.55
N ALA A 56 -22.60 -1.78 23.36
CA ALA A 56 -21.23 -2.23 23.11
C ALA A 56 -20.26 -1.07 23.31
N ILE A 57 -20.61 0.09 22.78
CA ILE A 57 -19.77 1.28 22.93
C ILE A 57 -19.63 1.65 24.40
N ALA A 58 -20.75 1.65 25.11
CA ALA A 58 -20.76 2.00 26.54
C ALA A 58 -19.89 1.02 27.34
N THR A 59 -19.97 -0.26 26.99
CA THR A 59 -19.20 -1.30 27.67
C THR A 59 -17.71 -1.09 27.49
N LEU A 60 -17.30 -0.74 26.27
CA LEU A 60 -15.89 -0.51 25.98
C LEU A 60 -15.41 0.76 26.67
N ALA A 61 -16.22 1.80 26.58
CA ALA A 61 -15.89 3.10 27.19
C ALA A 61 -15.71 2.99 28.70
N ALA A 62 -16.50 2.15 29.34
CA ALA A 62 -16.43 1.97 30.79
C ALA A 62 -15.06 1.47 31.24
N GLU A 63 -14.32 0.83 30.34
CA GLU A 63 -13.00 0.32 30.66
C GLU A 63 -11.92 1.32 30.25
N GLY A 64 -12.35 2.50 29.82
CA GLY A 64 -11.41 3.53 29.41
C GLY A 64 -10.86 3.36 28.00
N LEU A 65 -11.48 2.48 27.23
CA LEU A 65 -11.04 2.23 25.86
C LEU A 65 -11.63 3.25 24.90
N LYS A 66 -10.86 3.60 23.87
CA LYS A 66 -11.30 4.54 22.85
C LYS A 66 -11.85 3.72 21.69
N VAL A 67 -13.00 4.14 21.16
CA VAL A 67 -13.64 3.42 20.06
C VAL A 67 -13.40 4.05 18.70
N VAL A 68 -13.12 3.21 17.71
CA VAL A 68 -12.93 3.65 16.34
C VAL A 68 -14.11 3.00 15.61
N LEU A 69 -15.03 3.82 15.11
CA LEU A 69 -16.19 3.30 14.41
C LEU A 69 -15.99 3.21 12.91
N GLY A 70 -16.26 2.04 12.36
CA GLY A 70 -16.13 1.90 10.92
C GLY A 70 -17.51 2.12 10.32
N THR A 71 -17.60 2.91 9.25
CA THR A 71 -18.88 3.10 8.60
C THR A 71 -19.15 1.73 7.97
N PRO A 72 -20.41 1.27 7.98
CA PRO A 72 -20.80 -0.04 7.43
C PRO A 72 -21.08 -0.26 5.95
N THR A 73 -20.55 0.60 5.09
CA THR A 73 -20.83 0.46 3.66
C THR A 73 -20.13 -0.67 2.88
N ALA A 74 -19.20 -1.38 3.50
CA ALA A 74 -18.51 -2.45 2.77
C ALA A 74 -19.44 -3.64 2.52
N THR A 75 -20.44 -3.80 3.38
CA THR A 75 -21.36 -4.92 3.27
C THR A 75 -22.83 -4.54 3.42
N PRO A 76 -23.47 -4.13 2.30
CA PRO A 76 -24.89 -3.77 2.38
C PRO A 76 -25.77 -5.01 2.61
N PRO A 77 -26.87 -4.85 3.35
CA PRO A 77 -27.83 -5.91 3.68
C PRO A 77 -28.49 -6.51 2.44
N LYS A 78 -28.92 -7.77 2.55
CA LYS A 78 -29.55 -8.43 1.43
C LYS A 78 -30.85 -7.74 1.01
N TRP A 79 -31.62 -7.25 1.97
CA TRP A 79 -32.87 -6.58 1.62
C TRP A 79 -32.61 -5.33 0.78
N LEU A 80 -31.45 -4.70 0.97
CA LEU A 80 -31.11 -3.50 0.22
C LEU A 80 -30.68 -3.87 -1.19
N VAL A 81 -29.90 -4.94 -1.31
CA VAL A 81 -29.43 -5.44 -2.60
C VAL A 81 -30.62 -5.93 -3.42
N ASP A 82 -31.59 -6.53 -2.74
CA ASP A 82 -32.79 -7.04 -3.40
C ASP A 82 -33.62 -5.86 -3.90
N ARG A 83 -33.68 -4.80 -3.11
CA ARG A 83 -34.45 -3.61 -3.49
C ARG A 83 -33.80 -2.93 -4.68
N TYR A 84 -32.47 -2.82 -4.64
CA TYR A 84 -31.73 -2.17 -5.72
C TYR A 84 -30.66 -3.06 -6.33
N PRO A 85 -31.05 -3.90 -7.30
CA PRO A 85 -30.10 -4.80 -7.96
C PRO A 85 -28.92 -4.04 -8.59
N GLU A 86 -29.12 -2.77 -8.93
CA GLU A 86 -28.07 -1.98 -9.56
C GLU A 86 -26.87 -1.77 -8.65
N ILE A 87 -27.05 -2.04 -7.36
CA ILE A 87 -25.96 -1.88 -6.39
C ILE A 87 -24.87 -2.90 -6.69
N LEU A 88 -25.27 -4.10 -7.11
CA LEU A 88 -24.32 -5.17 -7.42
C LEU A 88 -23.41 -4.83 -8.60
N PRO A 89 -22.10 -5.07 -8.45
CA PRO A 89 -21.15 -4.77 -9.51
C PRO A 89 -21.11 -5.81 -10.63
N VAL A 90 -20.47 -5.45 -11.73
CA VAL A 90 -20.33 -6.31 -12.90
C VAL A 90 -18.83 -6.49 -13.14
N ASP A 91 -18.40 -7.74 -13.32
CA ASP A 91 -16.98 -8.01 -13.56
C ASP A 91 -16.55 -7.76 -15.00
N ARG A 92 -15.25 -7.90 -15.24
CA ARG A 92 -14.66 -7.68 -16.55
C ARG A 92 -15.24 -8.61 -17.61
N GLU A 93 -15.77 -9.75 -17.18
CA GLU A 93 -16.35 -10.72 -18.10
C GLU A 93 -17.78 -10.32 -18.46
N GLY A 94 -18.28 -9.26 -17.82
CA GLY A 94 -19.62 -8.77 -18.08
C GLY A 94 -20.70 -9.42 -17.24
N ARG A 95 -20.29 -10.14 -16.20
CA ARG A 95 -21.23 -10.82 -15.32
C ARG A 95 -21.53 -10.07 -14.03
N ARG A 96 -22.81 -10.02 -13.69
CA ARG A 96 -23.27 -9.34 -12.48
C ARG A 96 -22.87 -10.23 -11.31
N ARG A 97 -22.23 -9.64 -10.29
CA ARG A 97 -21.82 -10.40 -9.13
C ARG A 97 -23.00 -10.57 -8.19
N ARG A 98 -22.83 -11.36 -7.14
CA ARG A 98 -23.92 -11.62 -6.22
C ARG A 98 -23.59 -11.43 -4.75
N PHE A 99 -24.64 -11.32 -3.94
CA PHE A 99 -24.56 -11.18 -2.50
C PHE A 99 -24.05 -12.51 -1.96
N GLY A 100 -23.47 -12.51 -0.76
CA GLY A 100 -22.98 -13.74 -0.18
C GLY A 100 -21.63 -13.61 0.50
N GLY A 101 -20.82 -12.69 0.01
CA GLY A 101 -19.51 -12.43 0.58
C GLY A 101 -19.49 -11.02 1.11
N ARG A 102 -18.62 -10.18 0.54
CA ARG A 102 -18.54 -8.78 0.95
C ARG A 102 -18.09 -7.91 -0.21
N ARG A 103 -18.22 -6.59 -0.06
CA ARG A 103 -17.83 -5.62 -1.08
C ARG A 103 -18.63 -5.71 -2.38
N HIS A 104 -19.83 -6.28 -2.29
CA HIS A 104 -20.71 -6.40 -3.46
C HIS A 104 -21.46 -5.12 -3.82
N TYR A 105 -20.73 -4.07 -4.17
CA TYR A 105 -21.36 -2.83 -4.58
C TYR A 105 -20.53 -2.08 -5.59
N CYS A 106 -21.22 -1.27 -6.39
CA CYS A 106 -20.60 -0.46 -7.43
C CYS A 106 -20.38 0.96 -6.93
N PHE A 107 -19.16 1.47 -7.13
CA PHE A 107 -18.80 2.82 -6.70
C PHE A 107 -19.47 3.94 -7.50
N SER A 108 -20.06 3.57 -8.64
CA SER A 108 -20.73 4.56 -9.49
C SER A 108 -22.24 4.60 -9.28
N SER A 109 -22.79 3.58 -8.62
CA SER A 109 -24.23 3.53 -8.38
C SER A 109 -24.76 4.75 -7.65
N PRO A 110 -25.64 5.53 -8.31
CA PRO A 110 -26.19 6.72 -7.66
C PRO A 110 -27.08 6.31 -6.48
N VAL A 111 -27.72 5.16 -6.60
CA VAL A 111 -28.59 4.65 -5.54
C VAL A 111 -27.76 4.34 -4.30
N TYR A 112 -26.64 3.65 -4.48
CA TYR A 112 -25.83 3.30 -3.33
C TYR A 112 -25.19 4.54 -2.71
N ARG A 113 -24.92 5.56 -3.52
CA ARG A 113 -24.34 6.79 -3.00
C ARG A 113 -25.30 7.36 -1.97
N GLU A 114 -26.59 7.35 -2.29
CA GLU A 114 -27.61 7.88 -1.39
C GLU A 114 -27.82 7.02 -0.16
N GLU A 115 -27.78 5.70 -0.34
CA GLU A 115 -27.97 4.80 0.80
C GLU A 115 -26.78 4.91 1.75
N ALA A 116 -25.59 5.06 1.18
CA ALA A 116 -24.39 5.22 2.01
C ALA A 116 -24.50 6.53 2.77
N ARG A 117 -24.92 7.59 2.06
CA ARG A 117 -25.10 8.90 2.66
C ARG A 117 -26.03 8.79 3.87
N ARG A 118 -27.14 8.09 3.68
CA ARG A 118 -28.13 7.92 4.75
C ARG A 118 -27.60 7.22 5.99
N ILE A 119 -27.04 6.02 5.82
CA ILE A 119 -26.55 5.29 6.98
C ILE A 119 -25.35 5.94 7.65
N VAL A 120 -24.46 6.56 6.88
CA VAL A 120 -23.30 7.22 7.47
C VAL A 120 -23.72 8.47 8.24
N THR A 121 -24.73 9.18 7.73
CA THR A 121 -25.19 10.37 8.41
C THR A 121 -25.86 9.98 9.73
N LEU A 122 -26.61 8.89 9.71
CA LEU A 122 -27.26 8.40 10.93
C LEU A 122 -26.21 8.04 11.97
N LEU A 123 -25.20 7.28 11.53
CA LEU A 123 -24.13 6.87 12.42
C LEU A 123 -23.37 8.06 12.99
N ALA A 124 -23.06 9.03 12.14
CA ALA A 124 -22.32 10.21 12.55
C ALA A 124 -23.09 11.10 13.53
N GLU A 125 -24.37 11.29 13.28
CA GLU A 125 -25.17 12.14 14.16
C GLU A 125 -25.39 11.48 15.53
N ARG A 126 -25.48 10.16 15.55
CA ARG A 126 -25.70 9.47 16.80
C ARG A 126 -24.47 9.34 17.69
N TYR A 127 -23.34 8.97 17.09
CA TYR A 127 -22.12 8.76 17.87
C TYR A 127 -21.01 9.79 17.68
N GLY A 128 -21.19 10.68 16.70
CA GLY A 128 -20.19 11.69 16.41
C GLY A 128 -19.75 12.61 17.54
N GLY A 129 -20.60 12.77 18.55
CA GLY A 129 -20.24 13.64 19.67
C GLY A 129 -19.83 12.95 20.95
N LEU A 130 -19.74 11.62 20.92
CA LEU A 130 -19.35 10.87 22.11
C LEU A 130 -17.86 10.96 22.41
N GLU A 131 -17.54 11.14 23.69
CA GLU A 131 -16.17 11.24 24.13
C GLU A 131 -15.43 9.91 23.89
N ALA A 132 -16.17 8.81 24.02
CA ALA A 132 -15.60 7.48 23.84
C ALA A 132 -15.14 7.20 22.41
N VAL A 133 -15.75 7.89 21.45
CA VAL A 133 -15.39 7.69 20.04
C VAL A 133 -14.22 8.60 19.66
N ALA A 134 -13.11 7.99 19.24
CA ALA A 134 -11.92 8.74 18.86
C ALA A 134 -11.96 9.15 17.39
N GLY A 135 -12.50 8.28 16.55
CA GLY A 135 -12.57 8.56 15.13
C GLY A 135 -13.29 7.49 14.35
N PHE A 136 -13.17 7.56 13.02
CA PHE A 136 -13.84 6.62 12.14
C PHE A 136 -12.93 6.05 11.07
N GLN A 137 -13.32 4.88 10.59
CA GLN A 137 -12.65 4.24 9.47
C GLN A 137 -13.78 4.20 8.44
N THR A 138 -13.54 4.74 7.27
CA THR A 138 -14.57 4.74 6.25
C THR A 138 -14.60 3.39 5.54
N ASP A 139 -15.78 2.77 5.48
CA ASP A 139 -15.94 1.50 4.78
C ASP A 139 -14.90 0.49 5.28
N ASN A 140 -14.37 -0.34 4.38
CA ASN A 140 -13.36 -1.31 4.77
C ASN A 140 -12.61 -1.84 3.55
N GLU A 141 -11.33 -1.50 3.46
CA GLU A 141 -10.48 -1.93 2.36
C GLU A 141 -11.10 -1.74 0.97
N TYR A 142 -11.29 -0.49 0.57
CA TYR A 142 -11.84 -0.19 -0.74
C TYR A 142 -11.06 -0.97 -1.81
N GLY A 143 -11.77 -1.65 -2.70
CA GLY A 143 -11.09 -2.38 -3.76
C GLY A 143 -10.74 -3.83 -3.54
N CYS A 144 -10.78 -4.31 -2.30
CA CYS A 144 -10.44 -5.70 -2.05
C CYS A 144 -11.33 -6.61 -2.91
N HIS A 145 -10.79 -7.76 -3.31
CA HIS A 145 -11.53 -8.70 -4.14
C HIS A 145 -11.77 -8.12 -5.54
N ASP A 146 -10.84 -7.28 -6.00
CA ASP A 146 -10.92 -6.68 -7.33
C ASP A 146 -12.21 -5.89 -7.50
N THR A 147 -12.49 -4.98 -6.57
CA THR A 147 -13.72 -4.20 -6.64
C THR A 147 -13.61 -2.72 -6.98
N VAL A 148 -12.42 -2.26 -7.34
CA VAL A 148 -12.28 -0.86 -7.73
C VAL A 148 -12.90 -0.71 -9.11
N ARG A 149 -12.59 -1.66 -9.99
CA ARG A 149 -13.08 -1.65 -11.36
C ARG A 149 -14.34 -2.45 -11.61
N CYS A 150 -15.40 -1.74 -11.96
CA CYS A 150 -16.70 -2.33 -12.25
C CYS A 150 -17.05 -1.98 -13.70
N TYR A 151 -17.77 -2.87 -14.38
CA TYR A 151 -18.12 -2.66 -15.78
C TYR A 151 -19.62 -2.63 -16.05
N CYS A 152 -20.38 -2.21 -15.05
CA CYS A 152 -21.84 -2.14 -15.18
C CYS A 152 -22.29 -0.91 -15.96
N PRO A 153 -23.60 -0.84 -16.28
CA PRO A 153 -24.16 0.29 -17.02
C PRO A 153 -23.93 1.64 -16.32
N ARG A 154 -24.01 1.66 -15.00
CA ARG A 154 -23.80 2.89 -14.25
C ARG A 154 -22.38 3.40 -14.46
N CYS A 155 -21.41 2.48 -14.50
CA CYS A 155 -20.02 2.87 -14.69
C CYS A 155 -19.76 3.34 -16.12
N GLN A 156 -20.44 2.73 -17.09
CA GLN A 156 -20.26 3.14 -18.47
C GLN A 156 -20.76 4.58 -18.65
N GLU A 157 -21.89 4.90 -18.04
CA GLU A 157 -22.42 6.27 -18.16
C GLU A 157 -21.58 7.28 -17.38
N ALA A 158 -21.11 6.89 -16.19
CA ALA A 158 -20.29 7.78 -15.38
C ALA A 158 -18.94 8.05 -16.04
N PHE A 159 -18.41 7.05 -16.73
CA PHE A 159 -17.12 7.19 -17.40
C PHE A 159 -17.22 8.28 -18.47
N ARG A 160 -18.35 8.32 -19.17
CA ARG A 160 -18.54 9.34 -20.19
C ARG A 160 -18.53 10.73 -19.56
N GLY A 161 -19.15 10.87 -18.40
CA GLY A 161 -19.17 12.15 -17.73
C GLY A 161 -17.76 12.56 -17.31
N TRP A 162 -17.00 11.57 -16.83
CA TRP A 162 -15.62 11.78 -16.40
C TRP A 162 -14.76 12.24 -17.58
N LEU A 163 -14.95 11.60 -18.73
CA LEU A 163 -14.21 11.94 -19.93
C LEU A 163 -14.51 13.34 -20.43
N GLU A 164 -15.79 13.72 -20.40
CA GLU A 164 -16.16 15.05 -20.86
C GLU A 164 -15.56 16.11 -19.94
N ALA A 165 -15.50 15.82 -18.65
CA ALA A 165 -14.93 16.76 -17.70
C ALA A 165 -13.43 16.87 -17.90
N ARG A 166 -12.80 15.76 -18.26
CA ARG A 166 -11.35 15.73 -18.47
C ARG A 166 -10.89 16.36 -19.78
N TYR A 167 -11.59 16.04 -20.87
CA TYR A 167 -11.20 16.54 -22.19
C TYR A 167 -11.96 17.75 -22.72
N GLY A 168 -13.16 17.98 -22.21
CA GLY A 168 -13.94 19.12 -22.68
C GLY A 168 -14.70 18.81 -23.96
N THR A 169 -13.98 18.39 -24.99
CA THR A 169 -14.60 18.06 -26.27
C THR A 169 -14.16 16.68 -26.74
N ILE A 170 -14.99 16.04 -27.54
CA ILE A 170 -14.66 14.71 -28.05
C ILE A 170 -13.46 14.83 -28.99
N GLU A 171 -13.29 16.00 -29.61
CA GLU A 171 -12.16 16.24 -30.50
C GLU A 171 -10.86 16.06 -29.72
N ALA A 172 -10.82 16.62 -28.51
CA ALA A 172 -9.64 16.53 -27.66
C ALA A 172 -9.38 15.09 -27.24
N LEU A 173 -10.44 14.33 -27.01
CA LEU A 173 -10.28 12.93 -26.63
C LEU A 173 -9.72 12.14 -27.81
N ASN A 174 -10.27 12.36 -29.00
CA ASN A 174 -9.80 11.65 -30.19
C ASN A 174 -8.31 11.90 -30.43
N GLU A 175 -7.87 13.12 -30.18
CA GLU A 175 -6.46 13.45 -30.37
C GLU A 175 -5.60 12.81 -29.29
N ALA A 176 -6.07 12.89 -28.05
CA ALA A 176 -5.35 12.33 -26.91
C ALA A 176 -5.16 10.82 -27.04
N TRP A 177 -6.20 10.12 -27.46
CA TRP A 177 -6.15 8.67 -27.61
C TRP A 177 -5.59 8.18 -28.96
N GLY A 178 -5.50 9.09 -29.94
CA GLY A 178 -5.01 8.72 -31.25
C GLY A 178 -6.00 7.76 -31.93
N THR A 179 -7.28 8.12 -31.86
CA THR A 179 -8.33 7.27 -32.41
C THR A 179 -8.38 7.08 -33.92
N ALA A 180 -7.48 7.73 -34.66
CA ALA A 180 -7.47 7.52 -36.10
C ALA A 180 -7.01 6.07 -36.27
N PHE A 181 -6.27 5.59 -35.27
CA PHE A 181 -5.76 4.22 -35.28
C PHE A 181 -6.89 3.19 -35.20
N TRP A 182 -6.87 2.24 -36.14
CA TRP A 182 -7.89 1.20 -36.24
C TRP A 182 -9.31 1.77 -36.28
N SER A 183 -9.45 2.97 -36.85
CA SER A 183 -10.76 3.62 -36.97
C SER A 183 -11.57 3.65 -35.69
N GLN A 184 -10.93 4.04 -34.60
CA GLN A 184 -11.59 4.13 -33.29
C GLN A 184 -12.34 5.46 -33.10
N ARG A 185 -12.19 6.38 -34.05
CA ARG A 185 -12.80 7.71 -33.95
C ARG A 185 -14.22 7.76 -33.40
N TYR A 186 -14.42 8.64 -32.42
CA TYR A 186 -15.72 8.83 -31.78
C TYR A 186 -16.35 10.14 -32.22
N ARG A 187 -17.66 10.14 -32.45
CA ARG A 187 -18.36 11.35 -32.85
C ARG A 187 -18.80 12.13 -31.61
N SER A 188 -18.89 11.45 -30.48
CA SER A 188 -19.31 12.08 -29.24
C SER A 188 -18.93 11.20 -28.05
N PHE A 189 -19.03 11.75 -26.84
CA PHE A 189 -18.71 10.97 -25.65
C PHE A 189 -19.71 9.83 -25.50
N ALA A 190 -20.90 10.00 -26.08
CA ALA A 190 -21.95 8.98 -26.01
C ALA A 190 -21.56 7.71 -26.75
N GLU A 191 -20.60 7.81 -27.67
CA GLU A 191 -20.16 6.65 -28.43
C GLU A 191 -19.05 5.88 -27.73
N VAL A 192 -18.48 6.46 -26.68
CA VAL A 192 -17.41 5.78 -25.94
C VAL A 192 -17.96 4.76 -24.96
N GLU A 193 -17.37 3.56 -24.97
CA GLU A 193 -17.79 2.50 -24.07
C GLU A 193 -16.63 2.13 -23.15
N LEU A 194 -16.88 1.24 -22.20
CA LEU A 194 -15.82 0.82 -21.29
C LEU A 194 -14.85 -0.04 -22.09
N PRO A 195 -13.57 -0.03 -21.71
CA PRO A 195 -12.53 -0.80 -22.39
C PRO A 195 -12.38 -2.26 -21.96
N HIS A 196 -13.37 -3.08 -22.28
CA HIS A 196 -13.32 -4.49 -21.95
C HIS A 196 -14.06 -5.28 -23.03
N LEU A 197 -13.74 -6.57 -23.13
CA LEU A 197 -14.34 -7.46 -24.11
C LEU A 197 -14.13 -7.02 -25.55
N THR A 198 -13.08 -6.23 -25.78
CA THR A 198 -12.77 -5.77 -27.12
C THR A 198 -12.12 -6.90 -27.91
N VAL A 199 -12.15 -6.79 -29.24
CA VAL A 199 -11.50 -7.78 -30.09
C VAL A 199 -10.12 -7.15 -30.24
N ALA A 200 -9.08 -7.91 -29.90
CA ALA A 200 -7.72 -7.41 -29.92
C ALA A 200 -7.65 -6.59 -28.63
N GLU A 201 -6.52 -5.96 -28.36
CA GLU A 201 -6.35 -5.19 -27.14
C GLU A 201 -7.01 -3.81 -27.19
N PRO A 202 -7.48 -3.31 -26.03
CA PRO A 202 -8.10 -1.99 -26.00
C PRO A 202 -7.01 -0.93 -26.11
N ASN A 203 -7.40 0.29 -26.46
CA ASN A 203 -6.45 1.39 -26.59
C ASN A 203 -5.85 1.67 -25.21
N PRO A 204 -4.51 1.74 -25.10
CA PRO A 204 -3.92 2.01 -23.79
C PRO A 204 -4.38 3.32 -23.13
N SER A 205 -4.59 4.36 -23.92
CA SER A 205 -5.04 5.65 -23.39
C SER A 205 -6.45 5.47 -22.81
N HIS A 206 -7.23 4.68 -23.52
CA HIS A 206 -8.61 4.36 -23.16
C HIS A 206 -8.65 3.59 -21.84
N LEU A 207 -7.81 2.55 -21.74
CA LEU A 207 -7.75 1.74 -20.54
C LEU A 207 -7.21 2.52 -19.35
N LEU A 208 -6.17 3.32 -19.57
CA LEU A 208 -5.61 4.12 -18.48
C LEU A 208 -6.64 5.11 -17.96
N ASP A 209 -7.37 5.76 -18.86
CA ASP A 209 -8.39 6.71 -18.40
C ASP A 209 -9.47 5.99 -17.61
N TYR A 210 -9.79 4.76 -18.01
CA TYR A 210 -10.78 3.99 -17.28
C TYR A 210 -10.26 3.69 -15.87
N TYR A 211 -8.98 3.33 -15.77
CA TYR A 211 -8.41 3.03 -14.46
C TYR A 211 -8.36 4.29 -13.57
N ARG A 212 -8.08 5.43 -14.18
CA ARG A 212 -8.04 6.71 -13.46
C ARG A 212 -9.45 6.98 -12.96
N PHE A 213 -10.41 6.82 -13.86
CA PHE A 213 -11.83 7.03 -13.55
C PHE A 213 -12.27 6.14 -12.38
N ALA A 214 -11.95 4.86 -12.46
CA ALA A 214 -12.34 3.91 -11.42
C ALA A 214 -11.81 4.33 -10.05
N SER A 215 -10.54 4.71 -10.01
CA SER A 215 -9.93 5.14 -8.76
C SER A 215 -10.62 6.42 -8.28
N ASP A 216 -10.90 7.32 -9.21
CA ASP A 216 -11.56 8.58 -8.88
C ASP A 216 -12.95 8.35 -8.28
N GLN A 217 -13.66 7.33 -8.77
CA GLN A 217 -15.00 7.03 -8.24
C GLN A 217 -14.90 6.58 -6.80
N VAL A 218 -13.85 5.84 -6.46
CA VAL A 218 -13.69 5.39 -5.09
C VAL A 218 -13.44 6.62 -4.21
N ARG A 219 -12.60 7.53 -4.69
CA ARG A 219 -12.32 8.74 -3.93
C ARG A 219 -13.58 9.57 -3.73
N ALA A 220 -14.42 9.65 -4.76
CA ALA A 220 -15.66 10.42 -4.66
C ALA A 220 -16.60 9.78 -3.64
N PHE A 221 -16.73 8.46 -3.70
CA PHE A 221 -17.56 7.71 -2.76
C PHE A 221 -17.07 7.98 -1.35
N ASN A 222 -15.76 7.96 -1.18
CA ASN A 222 -15.16 8.18 0.14
C ASN A 222 -15.34 9.64 0.60
N ARG A 223 -15.13 10.58 -0.31
CA ARG A 223 -15.25 12.00 0.01
C ARG A 223 -16.62 12.32 0.60
N LEU A 224 -17.66 11.69 0.06
CA LEU A 224 -19.01 11.89 0.54
C LEU A 224 -19.08 11.58 2.03
N GLN A 225 -18.48 10.46 2.44
CA GLN A 225 -18.49 10.08 3.84
C GLN A 225 -17.63 11.01 4.68
N VAL A 226 -16.48 11.42 4.16
CA VAL A 226 -15.61 12.32 4.90
C VAL A 226 -16.35 13.63 5.21
N GLU A 227 -17.04 14.17 4.22
CA GLU A 227 -17.79 15.42 4.40
C GLU A 227 -18.84 15.27 5.50
N ILE A 228 -19.53 14.13 5.50
CA ILE A 228 -20.55 13.88 6.52
C ILE A 228 -19.92 13.84 7.91
N LEU A 229 -18.77 13.17 8.02
CA LEU A 229 -18.09 13.07 9.31
C LEU A 229 -17.53 14.40 9.78
N ARG A 230 -17.14 15.26 8.85
CA ARG A 230 -16.60 16.57 9.22
C ARG A 230 -17.71 17.44 9.76
N ALA A 231 -18.88 17.32 9.15
CA ALA A 231 -20.04 18.11 9.55
C ALA A 231 -20.75 17.63 10.82
N HIS A 232 -20.86 16.32 10.98
CA HIS A 232 -21.57 15.77 12.13
C HIS A 232 -20.70 15.13 13.22
N ALA A 233 -19.42 14.96 12.95
CA ALA A 233 -18.51 14.39 13.93
C ALA A 233 -17.24 15.25 13.99
N PRO A 234 -17.42 16.57 14.18
CA PRO A 234 -16.25 17.47 14.26
C PRO A 234 -15.27 17.07 15.35
N GLY A 235 -13.99 17.12 15.02
CA GLY A 235 -12.96 16.78 16.00
C GLY A 235 -12.58 15.31 16.01
N LYS A 236 -13.37 14.47 15.35
CA LYS A 236 -13.08 13.04 15.28
C LYS A 236 -12.29 12.76 14.01
N PHE A 237 -11.24 11.96 14.12
CA PHE A 237 -10.43 11.66 12.94
C PHE A 237 -11.15 10.76 11.96
N VAL A 238 -10.67 10.77 10.72
CA VAL A 238 -11.22 9.93 9.67
C VAL A 238 -10.05 9.31 8.93
N THR A 239 -10.06 7.99 8.83
CA THR A 239 -8.99 7.27 8.13
C THR A 239 -9.61 6.13 7.33
N HIS A 240 -8.77 5.43 6.57
CA HIS A 240 -9.22 4.28 5.81
C HIS A 240 -8.12 3.24 5.88
N ASN A 241 -8.50 1.97 5.83
CA ASN A 241 -7.52 0.89 5.91
C ASN A 241 -7.14 0.33 4.53
N PHE A 242 -5.96 0.75 4.08
CA PHE A 242 -5.41 0.33 2.78
C PHE A 242 -4.81 -1.07 2.85
N MET A 243 -4.50 -1.64 1.69
CA MET A 243 -3.98 -3.01 1.64
C MET A 243 -2.56 -3.16 1.13
N GLY A 244 -2.01 -4.35 1.33
CA GLY A 244 -0.67 -4.64 0.86
C GLY A 244 -0.69 -4.95 -0.64
N PHE A 245 0.37 -4.53 -1.32
CA PHE A 245 0.53 -4.76 -2.76
C PHE A 245 -0.75 -4.53 -3.57
N PHE A 246 -1.43 -3.43 -3.30
CA PHE A 246 -2.66 -3.11 -4.01
C PHE A 246 -2.50 -1.74 -4.66
N THR A 247 -2.67 -1.68 -5.98
CA THR A 247 -2.49 -0.42 -6.69
C THR A 247 -3.68 0.08 -7.50
N ASP A 248 -4.78 -0.69 -7.55
CA ASP A 248 -5.95 -0.27 -8.32
C ASP A 248 -6.49 1.07 -7.82
N LEU A 249 -6.32 1.31 -6.53
CA LEU A 249 -6.76 2.56 -5.92
C LEU A 249 -5.57 3.46 -5.62
N ASP A 250 -5.63 4.69 -6.08
CA ASP A 250 -4.55 5.64 -5.84
C ASP A 250 -4.66 6.10 -4.37
N ALA A 251 -3.91 5.44 -3.49
CA ALA A 251 -3.95 5.77 -2.06
C ALA A 251 -3.42 7.17 -1.76
N PHE A 252 -2.41 7.63 -2.50
CA PHE A 252 -1.88 8.96 -2.28
C PHE A 252 -2.98 9.99 -2.46
N ALA A 253 -3.75 9.84 -3.53
CA ALA A 253 -4.83 10.77 -3.83
C ALA A 253 -5.98 10.69 -2.83
N LEU A 254 -6.44 9.47 -2.54
CA LEU A 254 -7.56 9.32 -1.61
C LEU A 254 -7.21 9.83 -0.20
N ALA A 255 -5.98 9.57 0.24
CA ALA A 255 -5.55 9.99 1.58
C ALA A 255 -5.51 11.50 1.77
N GLN A 256 -5.60 12.25 0.67
CA GLN A 256 -5.61 13.71 0.77
C GLN A 256 -6.85 14.13 1.55
N ASP A 257 -7.86 13.26 1.56
CA ASP A 257 -9.11 13.54 2.25
C ASP A 257 -9.20 12.92 3.64
N LEU A 258 -8.10 12.31 4.09
CA LEU A 258 -8.07 11.66 5.40
C LEU A 258 -7.12 12.39 6.34
N ASP A 259 -7.27 12.14 7.63
CA ASP A 259 -6.41 12.76 8.64
C ASP A 259 -5.07 12.02 8.68
N PHE A 260 -5.11 10.73 8.38
CA PHE A 260 -3.91 9.90 8.33
C PHE A 260 -4.26 8.60 7.62
N ALA A 261 -3.24 7.87 7.20
CA ALA A 261 -3.46 6.62 6.50
C ALA A 261 -3.35 5.44 7.44
N SER A 262 -4.08 4.37 7.14
CA SER A 262 -4.00 3.15 7.93
C SER A 262 -3.84 2.01 6.93
N TRP A 263 -3.28 0.89 7.38
CA TRP A 263 -3.14 -0.23 6.46
C TRP A 263 -3.20 -1.55 7.21
N ASP A 264 -3.51 -2.61 6.47
CA ASP A 264 -3.68 -3.93 7.04
C ASP A 264 -2.55 -4.88 6.67
N SER A 265 -1.76 -5.25 7.68
CA SER A 265 -0.60 -6.10 7.48
C SER A 265 -0.75 -7.57 7.81
N TYR A 266 -0.54 -8.41 6.79
CA TYR A 266 -0.61 -9.86 6.93
C TYR A 266 0.61 -10.39 6.17
N PRO A 267 1.80 -10.24 6.77
CA PRO A 267 3.06 -10.67 6.16
C PRO A 267 3.10 -12.09 5.59
N LEU A 268 2.52 -13.05 6.29
CA LEU A 268 2.55 -14.43 5.80
C LEU A 268 1.71 -14.63 4.55
N GLY A 269 0.58 -13.94 4.49
CA GLY A 269 -0.29 -14.06 3.32
C GLY A 269 0.33 -13.42 2.10
N PHE A 270 0.88 -12.21 2.28
CA PHE A 270 1.52 -11.52 1.17
C PHE A 270 2.69 -12.35 0.66
N THR A 271 3.50 -12.85 1.59
CA THR A 271 4.68 -13.63 1.26
C THR A 271 4.40 -14.91 0.49
N ASP A 272 3.36 -15.64 0.89
CA ASP A 272 3.04 -16.88 0.20
C ASP A 272 2.68 -16.60 -1.26
N LEU A 273 2.09 -15.43 -1.51
CA LEU A 273 1.68 -15.05 -2.86
C LEU A 273 2.82 -14.46 -3.69
N MET A 274 3.91 -14.10 -3.04
CA MET A 274 5.07 -13.53 -3.74
C MET A 274 5.89 -14.59 -4.45
N PRO A 275 6.39 -14.27 -5.66
CA PRO A 275 7.20 -15.19 -6.47
C PRO A 275 8.67 -15.23 -6.01
N LEU A 276 8.88 -15.56 -4.73
CA LEU A 276 10.22 -15.61 -4.17
C LEU A 276 10.99 -16.84 -4.63
N PRO A 277 12.33 -16.77 -4.63
CA PRO A 277 13.10 -17.93 -5.05
C PRO A 277 12.80 -19.10 -4.13
N PRO A 278 12.88 -20.33 -4.64
CA PRO A 278 12.60 -21.55 -3.88
C PRO A 278 13.04 -21.52 -2.41
N GLU A 279 14.32 -21.23 -2.18
CA GLU A 279 14.87 -21.19 -0.83
C GLU A 279 14.18 -20.19 0.10
N GLU A 280 13.95 -18.98 -0.38
CA GLU A 280 13.31 -17.95 0.44
C GLU A 280 11.86 -18.25 0.79
N LYS A 281 11.13 -18.88 -0.13
CA LYS A 281 9.73 -19.20 0.13
C LYS A 281 9.60 -20.11 1.34
N LEU A 282 10.58 -20.99 1.54
CA LEU A 282 10.54 -21.90 2.68
C LEU A 282 11.06 -21.21 3.94
N ARG A 283 12.15 -20.48 3.78
CA ARG A 283 12.78 -19.80 4.90
C ARG A 283 11.88 -18.76 5.58
N TYR A 284 11.10 -18.04 4.76
CA TYR A 284 10.23 -16.99 5.29
C TYR A 284 8.76 -17.33 5.34
N ALA A 285 8.42 -18.61 5.23
CA ALA A 285 7.01 -19.01 5.26
C ALA A 285 6.29 -18.62 6.55
N ARG A 286 7.00 -18.67 7.67
CA ARG A 286 6.40 -18.34 8.96
C ARG A 286 6.82 -16.98 9.51
N THR A 287 7.56 -16.20 8.72
CA THR A 287 8.02 -14.89 9.18
C THR A 287 7.61 -13.77 8.25
N GLY A 288 7.44 -14.11 6.97
CA GLY A 288 7.12 -13.12 5.97
C GLY A 288 8.46 -12.68 5.42
N HIS A 289 8.52 -12.20 4.18
CA HIS A 289 9.79 -11.72 3.64
C HIS A 289 10.19 -10.52 4.50
N PRO A 290 11.48 -10.38 4.83
CA PRO A 290 11.95 -9.27 5.67
C PRO A 290 11.51 -7.85 5.31
N ASP A 291 11.18 -7.61 4.04
CA ASP A 291 10.79 -6.26 3.62
C ASP A 291 9.31 -6.08 3.29
N VAL A 292 8.51 -7.14 3.44
CA VAL A 292 7.11 -7.02 3.07
C VAL A 292 6.26 -6.08 3.91
N ALA A 293 6.44 -6.09 5.23
CA ALA A 293 5.65 -5.18 6.06
C ALA A 293 6.32 -3.81 6.03
N ALA A 294 7.64 -3.79 6.17
CA ALA A 294 8.41 -2.54 6.17
C ALA A 294 8.15 -1.66 4.95
N PHE A 295 8.11 -2.25 3.76
CA PHE A 295 7.86 -1.46 2.56
C PHE A 295 6.53 -0.73 2.69
N HIS A 296 5.53 -1.43 3.17
CA HIS A 296 4.22 -0.82 3.30
C HIS A 296 4.14 0.19 4.44
N HIS A 297 4.91 0.01 5.51
CA HIS A 297 4.89 1.00 6.59
C HIS A 297 5.47 2.29 6.01
N ASP A 298 6.55 2.17 5.26
CA ASP A 298 7.17 3.35 4.66
C ASP A 298 6.25 3.98 3.63
N LEU A 299 5.61 3.15 2.80
CA LEU A 299 4.68 3.65 1.79
C LEU A 299 3.53 4.40 2.45
N TYR A 300 2.86 3.76 3.39
CA TYR A 300 1.72 4.39 4.02
C TYR A 300 2.06 5.55 4.96
N ARG A 301 3.28 5.60 5.47
CA ARG A 301 3.67 6.73 6.31
C ARG A 301 3.69 7.91 5.33
N GLY A 302 4.13 7.65 4.10
CA GLY A 302 4.18 8.69 3.09
C GLY A 302 2.79 9.06 2.60
N VAL A 303 1.95 8.06 2.39
CA VAL A 303 0.58 8.27 1.93
C VAL A 303 -0.17 9.14 2.96
N GLY A 304 0.16 8.94 4.24
CA GLY A 304 -0.49 9.69 5.30
C GLY A 304 0.21 10.99 5.68
N ARG A 305 1.08 11.47 4.80
CA ARG A 305 1.81 12.72 5.06
C ARG A 305 2.57 12.67 6.39
N GLY A 306 3.13 11.50 6.70
CA GLY A 306 3.89 11.34 7.92
C GLY A 306 3.18 10.64 9.05
N ARG A 307 1.86 10.47 8.92
CA ARG A 307 1.06 9.82 9.95
C ARG A 307 0.34 8.56 9.47
N PHE A 308 0.49 7.47 10.19
CA PHE A 308 -0.21 6.25 9.81
C PHE A 308 -0.42 5.30 10.96
N TRP A 309 -1.38 4.39 10.78
CA TRP A 309 -1.71 3.36 11.74
C TRP A 309 -1.69 2.03 11.00
N VAL A 310 -1.54 0.96 11.76
CA VAL A 310 -1.64 -0.38 11.22
C VAL A 310 -2.99 -0.73 11.86
N MET A 311 -4.07 -0.61 11.10
CA MET A 311 -5.41 -0.88 11.63
C MET A 311 -5.65 -2.37 11.85
N GLU A 312 -4.98 -3.20 11.06
CA GLU A 312 -5.11 -4.65 11.19
C GLU A 312 -3.73 -5.29 11.13
N GLN A 313 -3.38 -6.01 12.19
CA GLN A 313 -2.10 -6.69 12.27
C GLN A 313 -2.31 -8.19 12.49
N GLN A 314 -1.71 -9.00 11.62
CA GLN A 314 -1.82 -10.46 11.71
C GLN A 314 -1.33 -10.98 13.06
N PRO A 315 -2.15 -11.75 13.78
CA PRO A 315 -1.76 -12.29 15.09
C PRO A 315 -1.59 -13.81 15.11
N GLY A 316 -1.86 -14.44 13.98
CA GLY A 316 -1.75 -15.89 13.87
C GLY A 316 -2.01 -16.26 12.42
N PRO A 317 -2.28 -17.53 12.11
CA PRO A 317 -2.53 -17.90 10.72
C PRO A 317 -3.80 -17.27 10.16
N VAL A 318 -3.79 -16.99 8.86
CA VAL A 318 -4.96 -16.41 8.20
C VAL A 318 -5.65 -17.53 7.40
N ASN A 319 -6.71 -17.18 6.69
CA ASN A 319 -7.49 -18.15 5.94
C ASN A 319 -7.43 -18.05 4.43
N TRP A 320 -6.96 -16.91 3.92
CA TRP A 320 -7.02 -16.65 2.49
C TRP A 320 -5.90 -16.90 1.49
N ALA A 321 -4.72 -17.29 1.93
CA ALA A 321 -3.65 -17.56 0.98
C ALA A 321 -3.62 -19.05 0.64
N PRO A 322 -2.93 -19.41 -0.45
CA PRO A 322 -2.86 -20.83 -0.82
C PRO A 322 -2.30 -21.64 0.35
N HIS A 323 -1.33 -21.07 1.05
CA HIS A 323 -0.74 -21.71 2.22
C HIS A 323 -0.81 -20.71 3.36
N ASN A 324 -1.26 -21.19 4.52
CA ASN A 324 -1.43 -20.34 5.68
C ASN A 324 -0.72 -20.88 6.90
N PRO A 325 0.59 -20.62 6.99
CA PRO A 325 1.38 -21.11 8.13
C PRO A 325 1.11 -20.26 9.36
N SER A 326 1.59 -20.73 10.50
CA SER A 326 1.45 -19.97 11.72
C SER A 326 2.68 -19.07 11.83
N PRO A 327 2.51 -17.86 12.38
CA PRO A 327 3.68 -16.98 12.52
C PRO A 327 4.61 -17.73 13.48
N ALA A 328 5.91 -17.64 13.27
CA ALA A 328 6.86 -18.30 14.16
C ALA A 328 6.77 -17.64 15.54
N PRO A 329 7.22 -18.34 16.60
CA PRO A 329 7.17 -17.78 17.96
C PRO A 329 7.91 -16.46 18.06
N GLY A 330 7.19 -15.40 18.41
CA GLY A 330 7.80 -14.09 18.54
C GLY A 330 7.56 -13.16 17.36
N MET A 331 7.07 -13.68 16.24
CA MET A 331 6.83 -12.84 15.07
C MET A 331 5.74 -11.79 15.22
N VAL A 332 4.73 -12.06 16.04
CA VAL A 332 3.67 -11.07 16.21
C VAL A 332 4.29 -9.88 16.96
N ARG A 333 5.11 -10.17 17.97
CA ARG A 333 5.79 -9.12 18.71
C ARG A 333 6.76 -8.37 17.78
N LEU A 334 7.48 -9.12 16.95
CA LEU A 334 8.42 -8.51 16.03
C LEU A 334 7.70 -7.58 15.04
N TRP A 335 6.65 -8.08 14.39
CA TRP A 335 5.92 -7.24 13.45
C TRP A 335 5.38 -5.97 14.12
N THR A 336 4.94 -6.11 15.37
CA THR A 336 4.39 -4.98 16.11
C THR A 336 5.46 -3.92 16.37
N TRP A 337 6.60 -4.34 16.91
CA TRP A 337 7.68 -3.38 17.18
C TRP A 337 8.21 -2.79 15.89
N GLU A 338 8.18 -3.55 14.81
CA GLU A 338 8.66 -3.07 13.52
C GLU A 338 7.73 -1.95 13.04
N ALA A 339 6.42 -2.16 13.18
CA ALA A 339 5.46 -1.15 12.77
C ALA A 339 5.72 0.14 13.56
N LEU A 340 5.89 -0.01 14.88
CA LEU A 340 6.16 1.14 15.74
C LEU A 340 7.47 1.82 15.34
N ALA A 341 8.50 1.03 15.04
CA ALA A 341 9.79 1.59 14.64
C ALA A 341 9.66 2.42 13.38
N HIS A 342 8.79 1.99 12.46
CA HIS A 342 8.58 2.71 11.21
C HIS A 342 7.60 3.87 11.38
N GLY A 343 7.19 4.13 12.63
CA GLY A 343 6.32 5.27 12.90
C GLY A 343 4.83 5.07 13.13
N ALA A 344 4.34 3.83 13.15
CA ALA A 344 2.91 3.61 13.36
C ALA A 344 2.47 4.23 14.70
N GLU A 345 1.42 5.03 14.66
CA GLU A 345 0.90 5.66 15.88
C GLU A 345 0.19 4.63 16.74
N VAL A 346 -0.47 3.70 16.08
CA VAL A 346 -1.21 2.63 16.73
C VAL A 346 -1.07 1.37 15.91
N VAL A 347 -0.98 0.22 16.59
CA VAL A 347 -0.93 -1.07 15.92
C VAL A 347 -2.13 -1.81 16.50
N SER A 348 -3.09 -2.09 15.62
CA SER A 348 -4.33 -2.75 16.01
C SER A 348 -4.39 -4.15 15.43
N TYR A 349 -4.62 -5.13 16.30
CA TYR A 349 -4.70 -6.52 15.87
C TYR A 349 -6.06 -6.96 15.35
N PHE A 350 -6.05 -7.74 14.28
CA PHE A 350 -7.29 -8.30 13.75
C PHE A 350 -7.09 -9.80 14.00
N ARG A 351 -7.91 -10.41 14.86
CA ARG A 351 -9.00 -9.79 15.60
C ARG A 351 -8.94 -10.26 17.05
N TRP A 352 -9.83 -9.75 17.89
CA TRP A 352 -9.83 -10.12 19.31
C TRP A 352 -10.00 -11.62 19.53
N ARG A 353 -11.03 -12.21 18.93
CA ARG A 353 -11.28 -13.63 19.09
C ARG A 353 -11.65 -14.29 17.77
N GLN A 354 -11.05 -15.44 17.52
CA GLN A 354 -11.30 -16.20 16.29
C GLN A 354 -12.78 -16.58 16.19
N ALA A 355 -13.41 -16.24 15.08
CA ALA A 355 -14.82 -16.57 14.87
C ALA A 355 -14.95 -18.06 14.57
N PRO A 356 -15.97 -18.72 15.13
CA PRO A 356 -16.17 -20.15 14.88
C PRO A 356 -17.06 -20.45 13.68
N PHE A 357 -17.57 -19.40 13.04
CA PHE A 357 -18.46 -19.56 11.90
C PHE A 357 -18.07 -18.71 10.70
N ALA A 358 -18.69 -19.00 9.57
CA ALA A 358 -18.51 -18.26 8.32
C ALA A 358 -17.14 -18.33 7.63
N GLN A 359 -16.99 -17.48 6.61
CA GLN A 359 -15.80 -17.43 5.77
C GLN A 359 -14.43 -17.41 6.41
N GLU A 360 -14.29 -16.66 7.49
CA GLU A 360 -12.99 -16.54 8.14
C GLU A 360 -12.84 -17.32 9.45
N GLN A 361 -13.55 -18.44 9.56
CA GLN A 361 -13.45 -19.23 10.77
C GLN A 361 -12.02 -19.77 11.00
N MET A 362 -11.22 -19.83 9.95
CA MET A 362 -9.84 -20.31 10.09
C MET A 362 -8.85 -19.16 10.28
N HIS A 363 -9.35 -17.95 10.43
CA HIS A 363 -8.50 -16.78 10.66
C HIS A 363 -8.30 -16.63 12.17
N ALA A 364 -7.08 -16.84 12.64
CA ALA A 364 -6.80 -16.74 14.06
C ALA A 364 -7.00 -15.35 14.64
N GLY A 365 -7.14 -15.29 15.96
CA GLY A 365 -7.31 -14.02 16.64
C GLY A 365 -6.38 -14.02 17.83
N LEU A 366 -6.52 -13.02 18.71
CA LEU A 366 -5.68 -13.00 19.90
C LEU A 366 -6.17 -14.09 20.86
N HIS A 367 -7.42 -14.52 20.67
CA HIS A 367 -8.02 -15.58 21.47
C HIS A 367 -8.66 -16.63 20.57
N ARG A 368 -8.63 -17.88 21.02
CA ARG A 368 -9.22 -18.98 20.28
C ARG A 368 -10.74 -18.87 20.41
N PRO A 369 -11.50 -19.61 19.59
CA PRO A 369 -12.96 -19.54 19.68
C PRO A 369 -13.52 -19.79 21.08
N ASP A 370 -12.80 -20.57 21.88
CA ASP A 370 -13.25 -20.85 23.24
C ASP A 370 -12.83 -19.79 24.25
N SER A 371 -12.38 -18.66 23.72
CA SER A 371 -11.94 -17.51 24.53
C SER A 371 -10.61 -17.64 25.26
N ALA A 372 -9.95 -18.78 25.11
CA ALA A 372 -8.66 -18.94 25.75
C ALA A 372 -7.66 -18.08 24.99
N PRO A 373 -6.73 -17.42 25.70
CA PRO A 373 -5.75 -16.59 25.01
C PRO A 373 -4.87 -17.44 24.08
N ASP A 374 -4.64 -16.93 22.87
CA ASP A 374 -3.82 -17.61 21.87
C ASP A 374 -2.41 -17.04 21.92
N GLN A 375 -1.49 -17.61 21.13
CA GLN A 375 -0.11 -17.18 21.13
C GLN A 375 0.07 -15.68 20.89
N GLY A 376 -0.73 -15.11 19.99
CA GLY A 376 -0.63 -13.69 19.70
C GLY A 376 -0.95 -12.79 20.89
N PHE A 377 -1.84 -13.26 21.76
CA PHE A 377 -2.21 -12.48 22.94
C PHE A 377 -1.00 -12.19 23.82
N PHE A 378 -0.26 -13.24 24.14
CA PHE A 378 0.91 -13.10 24.99
C PHE A 378 1.99 -12.22 24.37
N GLU A 379 2.15 -12.32 23.05
CA GLU A 379 3.14 -11.50 22.38
C GLU A 379 2.71 -10.03 22.38
N ALA A 380 1.41 -9.79 22.18
CA ALA A 380 0.89 -8.42 22.18
C ALA A 380 1.00 -7.82 23.58
N LYS A 381 0.69 -8.62 24.59
CA LYS A 381 0.76 -8.15 25.97
C LYS A 381 2.21 -7.78 26.31
N ARG A 382 3.16 -8.57 25.83
CA ARG A 382 4.58 -8.30 26.09
C ARG A 382 4.97 -6.95 25.48
N VAL A 383 4.52 -6.70 24.26
CA VAL A 383 4.85 -5.42 23.62
C VAL A 383 4.24 -4.27 24.40
N ALA A 384 3.01 -4.46 24.89
CA ALA A 384 2.35 -3.40 25.65
C ALA A 384 3.19 -3.06 26.88
N GLU A 385 3.69 -4.10 27.55
CA GLU A 385 4.52 -3.91 28.74
C GLU A 385 5.84 -3.25 28.40
N GLU A 386 6.44 -3.63 27.28
CA GLU A 386 7.72 -3.05 26.86
C GLU A 386 7.58 -1.60 26.40
N LEU A 387 6.53 -1.31 25.63
CA LEU A 387 6.32 0.05 25.13
C LEU A 387 6.04 1.02 26.27
N ALA A 388 5.37 0.53 27.31
CA ALA A 388 5.04 1.36 28.47
C ALA A 388 6.28 1.97 29.10
N ALA A 389 7.40 1.26 29.01
CA ALA A 389 8.66 1.73 29.58
C ALA A 389 9.59 2.26 28.49
N LEU A 390 9.10 2.29 27.25
CA LEU A 390 9.92 2.76 26.14
C LEU A 390 9.26 3.81 25.27
N ALA A 391 9.00 4.99 25.85
CA ALA A 391 8.42 6.10 25.09
C ALA A 391 9.38 6.30 23.93
N LEU A 392 8.86 6.47 22.72
CA LEU A 392 9.70 6.59 21.55
C LEU A 392 10.11 7.96 21.06
N PRO A 393 11.33 8.08 20.55
CA PRO A 393 11.83 9.36 20.03
C PRO A 393 11.02 9.61 18.75
N PRO A 394 11.04 10.85 18.23
CA PRO A 394 10.28 11.13 17.01
C PRO A 394 10.90 10.53 15.76
N VAL A 395 10.07 10.32 14.74
CA VAL A 395 10.55 9.78 13.47
C VAL A 395 11.28 10.91 12.74
N ALA A 396 12.48 10.62 12.24
CA ALA A 396 13.26 11.62 11.51
C ALA A 396 13.19 11.31 10.03
N GLN A 397 13.54 12.30 9.20
CA GLN A 397 13.54 12.12 7.76
C GLN A 397 14.57 11.05 7.43
N ALA A 398 14.23 10.16 6.51
CA ALA A 398 15.16 9.10 6.12
C ALA A 398 16.24 9.70 5.23
N PRO A 399 17.38 8.99 5.09
CA PRO A 399 18.46 9.50 4.24
C PRO A 399 18.14 9.33 2.75
N VAL A 400 17.29 8.37 2.43
CA VAL A 400 16.93 8.09 1.04
C VAL A 400 15.43 8.13 0.79
N ALA A 401 15.06 8.71 -0.34
CA ALA A 401 13.66 8.78 -0.72
C ALA A 401 13.42 7.85 -1.91
N LEU A 402 12.27 7.20 -1.93
CA LEU A 402 11.90 6.31 -3.02
C LEU A 402 10.59 6.89 -3.55
N VAL A 403 10.59 7.30 -4.80
CA VAL A 403 9.40 7.89 -5.41
C VAL A 403 8.49 6.81 -5.97
N PHE A 404 7.29 6.69 -5.39
CA PHE A 404 6.29 5.70 -5.78
C PHE A 404 5.11 6.41 -6.44
N ASP A 405 4.53 5.77 -7.45
CA ASP A 405 3.41 6.37 -8.18
C ASP A 405 2.37 5.33 -8.59
N TYR A 406 1.12 5.54 -8.18
CA TYR A 406 0.05 4.62 -8.53
C TYR A 406 -0.27 4.64 -10.02
N GLU A 407 -0.17 5.83 -10.62
CA GLU A 407 -0.43 5.96 -12.05
C GLU A 407 0.57 5.12 -12.84
N ALA A 408 1.80 5.04 -12.34
CA ALA A 408 2.83 4.24 -12.99
C ALA A 408 2.38 2.78 -12.99
N ALA A 409 1.82 2.35 -11.86
CA ALA A 409 1.34 0.97 -11.77
C ALA A 409 0.28 0.73 -12.84
N TRP A 410 -0.60 1.69 -13.04
CA TRP A 410 -1.66 1.52 -14.04
C TRP A 410 -1.09 1.46 -15.46
N ILE A 411 -0.13 2.32 -15.76
CA ILE A 411 0.47 2.34 -17.08
C ILE A 411 1.14 1.01 -17.41
N TYR A 412 1.87 0.44 -16.45
CA TYR A 412 2.56 -0.82 -16.70
C TYR A 412 1.62 -2.01 -16.69
N GLU A 413 0.48 -1.85 -16.05
CA GLU A 413 -0.54 -2.88 -16.00
C GLU A 413 -1.16 -2.93 -17.41
N VAL A 414 -1.35 -1.75 -17.97
CA VAL A 414 -1.92 -1.62 -19.31
C VAL A 414 -0.96 -2.05 -20.40
N GLN A 415 0.30 -1.62 -20.27
CA GLN A 415 1.31 -1.92 -21.27
C GLN A 415 2.59 -2.50 -20.68
N PRO A 416 2.57 -3.80 -20.33
CA PRO A 416 3.78 -4.40 -19.77
C PRO A 416 4.93 -4.46 -20.79
N GLN A 417 4.57 -4.76 -22.04
CA GLN A 417 5.50 -4.87 -23.17
C GLN A 417 6.46 -6.05 -23.01
N GLY A 418 6.60 -6.52 -21.78
CA GLY A 418 7.42 -7.67 -21.45
C GLY A 418 6.65 -8.41 -20.37
N ALA A 419 6.41 -9.71 -20.56
CA ALA A 419 5.62 -10.48 -19.58
C ALA A 419 6.13 -10.43 -18.14
N GLU A 420 7.45 -10.31 -17.96
CA GLU A 420 8.01 -10.25 -16.61
C GLU A 420 8.16 -8.84 -16.05
N TRP A 421 7.78 -7.82 -16.82
CA TRP A 421 7.89 -6.47 -16.30
C TRP A 421 6.86 -6.34 -15.19
N SER A 422 7.31 -5.91 -14.01
CA SER A 422 6.43 -5.75 -12.86
C SER A 422 6.77 -4.45 -12.14
N TYR A 423 5.81 -3.53 -12.07
CA TYR A 423 6.07 -2.28 -11.39
C TYR A 423 6.39 -2.51 -9.91
N LEU A 424 5.54 -3.25 -9.20
CA LEU A 424 5.79 -3.51 -7.80
C LEU A 424 7.08 -4.31 -7.62
N GLY A 425 7.36 -5.20 -8.57
CA GLY A 425 8.58 -5.99 -8.47
C GLY A 425 9.80 -5.11 -8.58
N LEU A 426 9.75 -4.12 -9.45
CA LEU A 426 10.87 -3.21 -9.65
C LEU A 426 11.05 -2.32 -8.42
N VAL A 427 9.94 -1.81 -7.91
CA VAL A 427 9.97 -0.97 -6.72
C VAL A 427 10.54 -1.76 -5.54
N TYR A 428 10.05 -2.97 -5.35
CA TYR A 428 10.49 -3.82 -4.24
C TYR A 428 11.96 -4.18 -4.33
N LEU A 429 12.44 -4.39 -5.55
CA LEU A 429 13.84 -4.74 -5.77
C LEU A 429 14.74 -3.62 -5.26
N PHE A 430 14.40 -2.38 -5.63
CA PHE A 430 15.17 -1.23 -5.18
C PHE A 430 15.03 -1.05 -3.67
N TYR A 431 13.82 -1.21 -3.16
CA TYR A 431 13.57 -1.07 -1.73
C TYR A 431 14.43 -2.06 -0.93
N SER A 432 14.39 -3.33 -1.32
CA SER A 432 15.18 -4.35 -0.63
C SER A 432 16.66 -4.05 -0.69
N ALA A 433 17.12 -3.51 -1.82
CA ALA A 433 18.53 -3.18 -1.99
C ALA A 433 18.94 -2.12 -0.96
N LEU A 434 18.08 -1.13 -0.76
CA LEU A 434 18.34 -0.07 0.21
C LEU A 434 18.32 -0.65 1.63
N ARG A 435 17.33 -1.50 1.89
CA ARG A 435 17.18 -2.12 3.19
C ARG A 435 18.36 -3.00 3.57
N ARG A 436 18.89 -3.74 2.60
CA ARG A 436 20.04 -4.61 2.85
C ARG A 436 21.31 -3.82 3.10
N LEU A 437 21.28 -2.52 2.83
CA LEU A 437 22.42 -1.66 3.07
C LEU A 437 22.26 -0.99 4.45
N GLY A 438 21.16 -1.31 5.12
CA GLY A 438 20.89 -0.77 6.44
C GLY A 438 20.35 0.65 6.43
N LEU A 439 19.90 1.10 5.26
CA LEU A 439 19.38 2.46 5.10
C LEU A 439 17.88 2.57 5.34
N ASP A 440 17.47 3.67 5.97
CA ASP A 440 16.06 3.93 6.21
C ASP A 440 15.52 4.58 4.94
N VAL A 441 14.25 4.35 4.68
CA VAL A 441 13.63 4.86 3.47
C VAL A 441 12.31 5.59 3.70
N ASP A 442 12.12 6.69 2.95
CA ASP A 442 10.87 7.44 2.98
C ASP A 442 10.29 7.24 1.59
N VAL A 443 9.04 6.80 1.51
CA VAL A 443 8.40 6.63 0.22
C VAL A 443 7.59 7.90 0.03
N VAL A 444 7.80 8.57 -1.10
CA VAL A 444 7.11 9.83 -1.41
C VAL A 444 6.50 9.79 -2.81
N PRO A 445 5.49 10.63 -3.05
CA PRO A 445 4.84 10.68 -4.36
C PRO A 445 5.53 11.67 -5.29
N PRO A 446 5.21 11.62 -6.59
CA PRO A 446 5.83 12.54 -7.54
C PRO A 446 5.42 13.95 -7.11
N GLY A 447 6.34 14.90 -7.21
CA GLY A 447 6.03 16.26 -6.82
C GLY A 447 6.41 16.60 -5.40
N ALA A 448 6.58 15.59 -4.56
CA ALA A 448 6.97 15.83 -3.17
C ALA A 448 8.41 16.31 -3.13
N SER A 449 8.67 17.30 -2.28
CA SER A 449 10.02 17.86 -2.15
C SER A 449 11.03 16.79 -1.74
N LEU A 450 12.21 16.83 -2.37
CA LEU A 450 13.27 15.88 -2.08
C LEU A 450 14.36 16.56 -1.27
N ARG A 451 14.05 17.76 -0.77
CA ARG A 451 15.01 18.51 0.02
C ARG A 451 15.39 17.69 1.26
N GLY A 452 16.69 17.66 1.57
CA GLY A 452 17.15 16.93 2.74
C GLY A 452 17.60 15.50 2.51
N TYR A 453 17.19 14.89 1.42
CA TYR A 453 17.59 13.51 1.15
C TYR A 453 19.00 13.43 0.57
N ALA A 454 19.75 12.43 1.02
CA ALA A 454 21.12 12.20 0.55
C ALA A 454 21.03 11.93 -0.95
N PHE A 455 20.06 11.09 -1.32
CA PHE A 455 19.80 10.79 -2.72
C PHE A 455 18.40 10.19 -2.81
N ALA A 456 17.90 10.07 -4.04
CA ALA A 456 16.56 9.53 -4.25
C ALA A 456 16.57 8.50 -5.36
N VAL A 457 15.67 7.53 -5.24
CA VAL A 457 15.54 6.47 -6.23
C VAL A 457 14.12 6.52 -6.78
N VAL A 458 14.01 6.54 -8.10
CA VAL A 458 12.72 6.57 -8.78
C VAL A 458 12.66 5.29 -9.61
N PRO A 459 12.17 4.18 -9.00
CA PRO A 459 12.07 2.89 -9.71
C PRO A 459 11.65 3.06 -11.17
N SER A 460 10.58 3.81 -11.37
CA SER A 460 10.11 4.13 -12.72
C SER A 460 8.97 5.12 -12.62
N LEU A 461 9.06 6.19 -13.39
CA LEU A 461 8.02 7.21 -13.41
C LEU A 461 7.76 7.52 -14.88
N PRO A 462 6.84 6.76 -15.51
CA PRO A 462 6.52 6.96 -16.94
C PRO A 462 6.08 8.36 -17.33
N ILE A 463 5.17 8.95 -16.55
CA ILE A 463 4.71 10.30 -16.84
C ILE A 463 5.41 11.24 -15.85
N VAL A 464 6.14 12.20 -16.38
CA VAL A 464 6.84 13.16 -15.55
C VAL A 464 6.22 14.54 -15.75
N ARG A 465 5.40 14.94 -14.78
CA ARG A 465 4.73 16.24 -14.85
C ARG A 465 5.64 17.34 -14.33
N GLU A 466 5.27 18.59 -14.60
CA GLU A 466 6.06 19.74 -14.18
C GLU A 466 6.38 19.73 -12.69
N GLU A 467 5.40 19.40 -11.86
CA GLU A 467 5.61 19.36 -10.42
C GLU A 467 6.70 18.36 -10.03
N ALA A 468 6.71 17.22 -10.69
CA ALA A 468 7.71 16.19 -10.41
C ALA A 468 9.07 16.66 -10.89
N LEU A 469 9.11 17.20 -12.11
CA LEU A 469 10.36 17.71 -12.68
C LEU A 469 10.94 18.78 -11.76
N GLU A 470 10.07 19.63 -11.23
CA GLU A 470 10.47 20.71 -10.33
C GLU A 470 11.17 20.12 -9.10
N ALA A 471 10.54 19.10 -8.52
CA ALA A 471 11.10 18.45 -7.33
C ALA A 471 12.46 17.83 -7.63
N PHE A 472 12.62 17.27 -8.83
CA PHE A 472 13.90 16.66 -9.19
C PHE A 472 14.96 17.75 -9.39
N ARG A 473 14.57 18.85 -10.01
CA ARG A 473 15.50 19.97 -10.24
C ARG A 473 16.01 20.55 -8.93
N GLU A 474 15.14 20.61 -7.93
CA GLU A 474 15.49 21.17 -6.63
C GLU A 474 16.15 20.18 -5.67
N ALA A 475 16.28 18.93 -6.10
CA ALA A 475 16.89 17.92 -5.25
C ALA A 475 18.32 18.34 -4.90
N GLU A 476 18.69 18.15 -3.63
CA GLU A 476 20.01 18.51 -3.16
C GLU A 476 21.01 17.37 -3.38
N GLY A 477 20.48 16.17 -3.56
CA GLY A 477 21.34 15.01 -3.78
C GLY A 477 21.00 14.35 -5.10
N PRO A 478 21.78 13.35 -5.53
CA PRO A 478 21.51 12.66 -6.80
C PRO A 478 20.15 12.00 -6.87
N VAL A 479 19.65 11.83 -8.09
CA VAL A 479 18.37 11.18 -8.31
C VAL A 479 18.58 10.12 -9.38
N LEU A 480 18.26 8.88 -9.05
CA LEU A 480 18.40 7.76 -9.97
C LEU A 480 17.04 7.43 -10.58
N PHE A 481 16.97 7.48 -11.91
CA PHE A 481 15.73 7.17 -12.62
C PHE A 481 15.82 5.78 -13.20
N GLY A 482 14.80 4.96 -12.94
CA GLY A 482 14.78 3.61 -13.45
C GLY A 482 14.28 3.54 -14.89
N PRO A 483 14.40 2.37 -15.54
CA PRO A 483 13.94 2.22 -16.93
C PRO A 483 12.47 2.60 -17.15
N ARG A 484 12.20 3.11 -18.35
CA ARG A 484 10.87 3.54 -18.77
C ARG A 484 10.40 4.85 -18.16
N SER A 485 11.28 5.51 -17.39
CA SER A 485 10.91 6.80 -16.80
C SER A 485 10.81 7.84 -17.90
N GLY A 486 9.76 8.66 -17.85
CA GLY A 486 9.55 9.69 -18.84
C GLY A 486 9.25 9.13 -20.22
N SER A 487 8.75 7.90 -20.26
CA SER A 487 8.45 7.26 -21.54
C SER A 487 7.04 7.50 -22.07
N LYS A 488 6.18 8.11 -21.26
CA LYS A 488 4.81 8.37 -21.69
C LYS A 488 4.33 9.78 -21.37
N THR A 489 3.43 10.29 -22.19
CA THR A 489 2.84 11.62 -21.96
C THR A 489 1.59 11.37 -21.11
N GLU A 490 0.97 12.43 -20.64
CA GLU A 490 -0.23 12.32 -19.83
C GLU A 490 -1.34 11.52 -20.51
N THR A 491 -1.33 11.50 -21.84
CA THR A 491 -2.36 10.80 -22.61
C THR A 491 -1.91 9.43 -23.12
N PHE A 492 -0.86 8.88 -22.51
CA PHE A 492 -0.34 7.56 -22.90
C PHE A 492 0.18 7.52 -24.33
N GLN A 493 0.97 8.52 -24.69
CA GLN A 493 1.60 8.56 -26.00
C GLN A 493 3.09 8.64 -25.77
N ILE A 494 3.87 8.34 -26.80
CA ILE A 494 5.32 8.43 -26.67
C ILE A 494 5.63 9.92 -26.84
N PRO A 495 6.42 10.50 -25.92
CA PRO A 495 6.77 11.93 -26.02
C PRO A 495 7.38 12.23 -27.39
N LYS A 496 7.13 13.45 -27.88
CA LYS A 496 7.65 13.86 -29.18
C LYS A 496 9.17 13.73 -29.21
N GLU A 497 9.79 14.01 -28.08
CA GLU A 497 11.25 13.94 -27.94
C GLU A 497 11.73 12.52 -27.67
N LEU A 498 10.78 11.59 -27.51
CA LEU A 498 11.03 10.19 -27.20
C LEU A 498 11.38 10.07 -25.71
N PRO A 499 11.35 8.86 -25.16
CA PRO A 499 11.70 8.74 -23.73
C PRO A 499 13.16 9.17 -23.61
N PRO A 500 13.59 9.69 -22.45
CA PRO A 500 12.82 9.90 -21.21
C PRO A 500 12.02 11.21 -21.13
N GLY A 501 11.53 11.66 -22.27
CA GLY A 501 10.70 12.85 -22.32
C GLY A 501 11.16 14.08 -21.56
N PRO A 502 10.34 14.60 -20.63
CA PRO A 502 10.70 15.79 -19.85
C PRO A 502 12.05 15.70 -19.16
N LEU A 503 12.46 14.48 -18.84
CA LEU A 503 13.75 14.28 -18.17
C LEU A 503 14.94 14.62 -19.04
N GLN A 504 14.71 14.84 -20.34
CA GLN A 504 15.83 15.18 -21.23
C GLN A 504 16.32 16.60 -20.93
N ALA A 505 15.58 17.32 -20.11
CA ALA A 505 15.98 18.67 -19.73
C ALA A 505 17.03 18.54 -18.63
N LEU A 506 17.18 17.31 -18.12
CA LEU A 506 18.15 17.03 -17.07
C LEU A 506 19.27 16.11 -17.55
N LEU A 507 18.91 15.15 -18.40
CA LEU A 507 19.85 14.17 -18.95
C LEU A 507 19.84 14.20 -20.47
N PRO A 508 20.98 14.47 -21.10
CA PRO A 508 21.01 14.50 -22.57
C PRO A 508 21.13 13.11 -23.18
N LEU A 509 20.01 12.39 -23.22
CA LEU A 509 19.97 11.04 -23.78
C LEU A 509 18.57 10.74 -24.27
N LYS A 510 18.46 9.81 -25.22
CA LYS A 510 17.17 9.41 -25.78
C LYS A 510 17.08 7.90 -25.88
N VAL A 511 15.93 7.35 -25.52
CA VAL A 511 15.72 5.91 -25.63
C VAL A 511 15.08 5.74 -27.01
N VAL A 512 15.85 5.17 -27.94
CA VAL A 512 15.40 4.99 -29.32
C VAL A 512 14.76 3.63 -29.63
N ARG A 513 14.90 2.70 -28.70
CA ARG A 513 14.33 1.36 -28.86
C ARG A 513 14.36 0.66 -27.51
N VAL A 514 13.37 -0.18 -27.26
CA VAL A 514 13.34 -0.97 -26.04
C VAL A 514 13.11 -2.43 -26.43
N GLU A 515 13.59 -3.33 -25.58
CA GLU A 515 13.45 -4.77 -25.80
C GLU A 515 12.97 -5.46 -24.53
N SER A 516 12.07 -6.43 -24.69
CA SER A 516 11.67 -7.25 -23.55
C SER A 516 12.24 -8.60 -23.98
N LEU A 517 12.91 -9.27 -23.05
CA LEU A 517 13.59 -10.53 -23.35
C LEU A 517 13.08 -11.72 -22.55
N PRO A 518 13.12 -12.92 -23.15
CA PRO A 518 12.66 -14.13 -22.46
C PRO A 518 13.50 -14.44 -21.23
N PRO A 519 12.89 -15.04 -20.20
CA PRO A 519 13.65 -15.36 -18.99
C PRO A 519 14.84 -16.25 -19.34
N GLY A 520 16.00 -15.94 -18.76
CA GLY A 520 17.18 -16.72 -19.03
C GLY A 520 18.15 -16.07 -20.00
N LEU A 521 17.66 -15.13 -20.80
CA LEU A 521 18.53 -14.44 -21.75
C LEU A 521 19.23 -13.30 -21.02
N LEU A 522 20.48 -13.52 -20.66
CA LEU A 522 21.25 -12.52 -19.94
C LEU A 522 22.46 -12.04 -20.74
N GLU A 523 22.87 -10.80 -20.48
CA GLU A 523 24.04 -10.22 -21.11
C GLU A 523 24.72 -9.35 -20.08
N VAL A 524 26.04 -9.46 -20.00
CA VAL A 524 26.78 -8.69 -19.02
C VAL A 524 26.95 -7.21 -19.38
N ALA A 525 26.66 -6.36 -18.39
CA ALA A 525 26.84 -4.92 -18.54
C ALA A 525 27.98 -4.68 -17.55
N GLU A 526 29.08 -4.09 -18.02
CA GLU A 526 30.22 -3.89 -17.13
C GLU A 526 30.82 -2.49 -17.11
N GLY A 527 31.56 -2.22 -16.04
CA GLY A 527 32.20 -0.94 -15.85
C GLY A 527 32.85 -0.87 -14.48
N ALA A 528 33.17 0.33 -14.03
CA ALA A 528 33.80 0.52 -12.73
C ALA A 528 33.03 -0.12 -11.57
N LEU A 529 31.71 -0.10 -11.64
CA LEU A 529 30.87 -0.68 -10.57
C LEU A 529 30.97 -2.20 -10.49
N GLY A 530 31.29 -2.83 -11.61
CA GLY A 530 31.41 -4.28 -11.63
C GLY A 530 30.87 -4.89 -12.91
N ARG A 531 30.58 -6.19 -12.86
CA ARG A 531 30.05 -6.92 -14.00
C ARG A 531 28.68 -7.46 -13.60
N PHE A 532 27.66 -7.13 -14.38
CA PHE A 532 26.31 -7.54 -14.04
C PHE A 532 25.51 -8.18 -15.17
N PRO A 533 25.22 -9.49 -15.05
CA PRO A 533 24.44 -10.12 -16.11
C PRO A 533 23.04 -9.57 -15.95
N LEU A 534 22.50 -8.96 -17.00
CA LEU A 534 21.16 -8.37 -16.93
C LEU A 534 20.25 -8.92 -18.03
N GLY A 535 18.95 -8.87 -17.79
CA GLY A 535 18.00 -9.35 -18.77
C GLY A 535 16.65 -8.69 -18.58
N LEU A 536 15.60 -9.38 -19.05
CA LEU A 536 14.21 -8.95 -18.91
C LEU A 536 13.80 -7.70 -19.71
N TRP A 537 14.50 -6.59 -19.48
CA TRP A 537 14.20 -5.33 -20.16
C TRP A 537 15.50 -4.62 -20.51
N ARG A 538 15.63 -4.20 -21.75
CA ARG A 538 16.83 -3.50 -22.19
C ARG A 538 16.45 -2.36 -23.13
N GLU A 539 17.07 -1.20 -22.94
CA GLU A 539 16.78 -0.05 -23.76
C GLU A 539 18.02 0.41 -24.52
N TRP A 540 17.82 0.85 -25.76
CA TRP A 540 18.91 1.35 -26.59
C TRP A 540 18.96 2.86 -26.37
N VAL A 541 20.07 3.34 -25.85
CA VAL A 541 20.21 4.76 -25.59
C VAL A 541 21.13 5.47 -26.58
N GLU A 542 20.62 6.57 -27.12
CA GLU A 542 21.36 7.41 -28.06
C GLU A 542 21.77 8.61 -27.23
N ALA A 543 23.08 8.78 -27.01
CA ALA A 543 23.54 9.91 -26.22
C ALA A 543 25.02 10.17 -26.38
N PRO A 544 25.44 11.41 -26.12
CA PRO A 544 26.85 11.81 -26.24
C PRO A 544 27.59 11.41 -24.96
N LEU A 545 26.80 11.01 -23.96
CA LEU A 545 27.34 10.59 -22.66
C LEU A 545 28.01 9.22 -22.71
N LYS A 546 29.09 9.10 -21.95
CA LYS A 546 29.84 7.86 -21.84
C LYS A 546 29.13 7.04 -20.76
N PRO A 547 28.57 5.87 -21.12
CA PRO A 547 27.88 5.06 -20.11
C PRO A 547 28.81 4.56 -19.00
N LEU A 548 28.25 4.43 -17.80
CA LEU A 548 28.99 3.95 -16.64
C LEU A 548 29.08 2.43 -16.70
N LEU A 549 28.09 1.81 -17.33
CA LEU A 549 28.02 0.37 -17.51
C LEU A 549 27.69 0.12 -18.97
N THR A 550 28.46 -0.76 -19.61
CA THR A 550 28.26 -1.04 -21.02
C THR A 550 28.04 -2.52 -21.31
N PHE A 551 27.09 -2.82 -22.20
CA PHE A 551 26.82 -4.20 -22.58
C PHE A 551 27.89 -4.68 -23.55
N GLN A 552 27.87 -5.96 -23.88
CA GLN A 552 28.87 -6.54 -24.77
C GLN A 552 28.83 -5.98 -26.19
N ASP A 553 27.71 -5.37 -26.58
CA ASP A 553 27.61 -4.80 -27.91
C ASP A 553 27.96 -3.31 -27.92
N GLY A 554 28.42 -2.81 -26.77
CA GLY A 554 28.81 -1.41 -26.70
C GLY A 554 27.69 -0.46 -26.28
N LYS A 555 26.47 -0.98 -26.15
CA LYS A 555 25.34 -0.15 -25.75
C LYS A 555 25.40 0.12 -24.24
N GLY A 556 25.07 1.35 -23.84
CA GLY A 556 25.10 1.70 -22.44
C GLY A 556 23.93 1.18 -21.63
N ALA A 557 24.21 0.81 -20.37
CA ALA A 557 23.17 0.31 -19.48
C ALA A 557 22.87 1.29 -18.36
N LEU A 558 23.82 2.18 -18.08
CA LEU A 558 23.68 3.16 -17.02
C LEU A 558 24.37 4.45 -17.42
N TYR A 559 23.66 5.57 -17.25
CA TYR A 559 24.20 6.87 -17.61
C TYR A 559 24.07 7.88 -16.47
N ARG A 560 24.90 8.92 -16.50
CA ARG A 560 24.85 9.96 -15.49
C ARG A 560 25.31 11.31 -16.03
N GLU A 561 24.63 12.37 -15.62
CA GLU A 561 24.98 13.72 -16.00
C GLU A 561 24.63 14.58 -14.79
N GLY A 562 25.66 15.09 -14.12
CA GLY A 562 25.43 15.89 -12.93
C GLY A 562 24.89 15.02 -11.82
N ARG A 563 23.79 15.43 -11.20
CA ARG A 563 23.25 14.64 -10.11
C ARG A 563 22.19 13.64 -10.57
N TYR A 564 21.97 13.55 -11.87
CA TYR A 564 20.95 12.64 -12.40
C TYR A 564 21.49 11.40 -13.08
N LEU A 565 20.96 10.25 -12.70
CA LEU A 565 21.37 8.98 -13.30
C LEU A 565 20.18 8.31 -13.97
N TYR A 566 20.45 7.55 -15.02
CA TYR A 566 19.40 6.84 -15.73
C TYR A 566 19.80 5.39 -15.98
N LEU A 567 18.98 4.46 -15.50
CA LEU A 567 19.25 3.03 -15.68
C LEU A 567 18.44 2.55 -16.87
N ALA A 568 19.13 2.09 -17.92
CA ALA A 568 18.50 1.65 -19.15
C ALA A 568 18.26 0.15 -19.26
N ALA A 569 18.12 -0.53 -18.13
CA ALA A 569 17.89 -1.96 -18.14
C ALA A 569 17.28 -2.39 -16.82
N TRP A 570 16.63 -3.56 -16.81
CA TRP A 570 16.04 -4.08 -15.59
C TRP A 570 17.22 -4.43 -14.69
N PRO A 571 17.22 -3.91 -13.45
CA PRO A 571 18.33 -4.19 -12.54
C PRO A 571 18.27 -5.55 -11.85
N SER A 572 19.44 -6.11 -11.58
CA SER A 572 19.53 -7.35 -10.87
C SER A 572 19.67 -6.87 -9.42
N PRO A 573 19.38 -7.72 -8.44
CA PRO A 573 19.53 -7.28 -7.05
C PRO A 573 20.96 -6.84 -6.78
N GLU A 574 21.91 -7.55 -7.41
CA GLU A 574 23.33 -7.23 -7.25
C GLU A 574 23.65 -5.83 -7.76
N LEU A 575 23.16 -5.50 -8.95
CA LEU A 575 23.40 -4.17 -9.50
C LEU A 575 22.76 -3.10 -8.61
N ALA A 576 21.52 -3.32 -8.22
CA ALA A 576 20.82 -2.35 -7.37
C ALA A 576 21.61 -2.06 -6.11
N GLY A 577 22.13 -3.11 -5.47
CA GLY A 577 22.88 -2.93 -4.25
C GLY A 577 24.20 -2.19 -4.44
N ARG A 578 24.94 -2.55 -5.49
CA ARG A 578 26.22 -1.88 -5.73
C ARG A 578 26.05 -0.43 -6.16
N LEU A 579 25.04 -0.17 -6.97
CA LEU A 579 24.79 1.20 -7.43
C LEU A 579 24.33 2.08 -6.26
N LEU A 580 23.40 1.57 -5.47
CA LEU A 580 22.90 2.31 -4.32
C LEU A 580 23.98 2.50 -3.27
N SER A 581 24.86 1.51 -3.13
CA SER A 581 25.95 1.63 -2.16
C SER A 581 26.92 2.71 -2.61
N ALA A 582 27.17 2.77 -3.91
CA ALA A 582 28.07 3.79 -4.46
C ALA A 582 27.48 5.19 -4.27
N LEU A 583 26.18 5.31 -4.45
CA LEU A 583 25.52 6.59 -4.28
C LEU A 583 25.59 7.00 -2.80
N ALA A 584 25.44 6.03 -1.91
CA ALA A 584 25.49 6.31 -0.49
C ALA A 584 26.88 6.81 -0.10
N ALA A 585 27.92 6.13 -0.57
CA ALA A 585 29.29 6.52 -0.27
C ALA A 585 29.56 7.93 -0.77
N GLU A 586 29.13 8.21 -2.00
CA GLU A 586 29.32 9.52 -2.58
C GLU A 586 28.66 10.61 -1.74
N ALA A 587 27.51 10.29 -1.16
CA ALA A 587 26.75 11.23 -0.35
C ALA A 587 27.23 11.31 1.10
N GLY A 588 28.28 10.55 1.42
CA GLY A 588 28.81 10.56 2.77
C GLY A 588 27.99 9.74 3.73
N LEU A 589 27.15 8.86 3.20
CA LEU A 589 26.32 8.00 4.02
C LEU A 589 27.01 6.68 4.30
N LYS A 590 26.98 6.25 5.55
CA LYS A 590 27.58 4.98 5.92
C LYS A 590 26.58 3.89 5.60
N VAL A 591 27.09 2.74 5.16
CA VAL A 591 26.23 1.61 4.84
C VAL A 591 26.77 0.35 5.48
N LEU A 592 25.93 -0.68 5.54
CA LEU A 592 26.32 -1.95 6.13
C LEU A 592 25.84 -3.06 5.22
N SER A 593 26.64 -4.12 5.09
CA SER A 593 26.25 -5.26 4.26
C SER A 593 25.51 -6.22 5.19
N LEU A 594 24.24 -5.95 5.42
CA LEU A 594 23.44 -6.78 6.32
C LEU A 594 23.19 -8.17 5.76
N PRO A 595 23.20 -9.19 6.64
CA PRO A 595 22.96 -10.55 6.20
C PRO A 595 21.50 -10.66 5.77
N GLU A 596 21.16 -11.69 5.00
CA GLU A 596 19.82 -11.88 4.46
C GLU A 596 18.61 -11.60 5.36
N GLY A 597 18.62 -12.15 6.57
CA GLY A 597 17.47 -11.98 7.46
C GLY A 597 17.46 -10.84 8.46
N LEU A 598 18.46 -9.99 8.44
CA LEU A 598 18.50 -8.89 9.40
C LEU A 598 18.12 -7.56 8.76
N ARG A 599 17.34 -6.76 9.49
CA ARG A 599 16.90 -5.46 9.02
C ARG A 599 16.99 -4.42 10.12
N LEU A 600 17.23 -3.18 9.73
CA LEU A 600 17.35 -2.07 10.68
C LEU A 600 16.37 -0.94 10.34
N ARG A 601 15.95 -0.22 11.38
CA ARG A 601 15.07 0.93 11.22
C ARG A 601 15.38 1.85 12.38
N ARG A 602 15.56 3.13 12.10
CA ARG A 602 15.86 4.09 13.13
C ARG A 602 14.62 4.84 13.60
N ARG A 603 14.70 5.35 14.81
CA ARG A 603 13.66 6.16 15.40
C ARG A 603 14.48 7.13 16.24
N GLY A 604 14.69 8.34 15.73
CA GLY A 604 15.50 9.29 16.46
C GLY A 604 16.93 8.76 16.47
N THR A 605 17.58 8.82 17.63
CA THR A 605 18.95 8.31 17.74
C THR A 605 18.96 6.82 18.07
N TRP A 606 17.78 6.22 18.12
CA TRP A 606 17.67 4.79 18.42
C TRP A 606 17.70 3.97 17.14
N VAL A 607 18.15 2.73 17.26
CA VAL A 607 18.18 1.83 16.12
C VAL A 607 17.51 0.53 16.55
N PHE A 608 16.63 0.03 15.68
CA PHE A 608 15.92 -1.21 15.92
C PHE A 608 16.49 -2.25 14.96
N ALA A 609 16.75 -3.45 15.47
CA ALA A 609 17.25 -4.54 14.64
C ALA A 609 16.24 -5.67 14.72
N PHE A 610 15.78 -6.14 13.57
CA PHE A 610 14.81 -7.22 13.51
C PHE A 610 15.43 -8.42 12.79
N ASN A 611 15.40 -9.58 13.45
CA ASN A 611 15.96 -10.78 12.85
C ASN A 611 14.87 -11.75 12.39
N TYR A 612 14.71 -11.85 11.08
CA TYR A 612 13.70 -12.73 10.51
C TYR A 612 14.11 -14.21 10.50
N GLY A 613 15.23 -14.50 11.15
CA GLY A 613 15.70 -15.88 11.24
C GLY A 613 16.35 -16.48 10.01
N PRO A 614 16.60 -17.80 10.01
CA PRO A 614 16.26 -18.75 11.07
C PRO A 614 17.27 -18.88 12.21
N GLU A 615 18.43 -18.25 12.07
CA GLU A 615 19.44 -18.33 13.10
C GLU A 615 19.76 -16.97 13.71
N ALA A 616 20.41 -16.99 14.86
CA ALA A 616 20.77 -15.75 15.55
C ALA A 616 21.81 -14.96 14.76
N VAL A 617 21.80 -13.65 14.95
CA VAL A 617 22.74 -12.76 14.28
C VAL A 617 23.10 -11.64 15.25
N GLU A 618 24.20 -10.95 14.97
CA GLU A 618 24.61 -9.86 15.83
C GLU A 618 24.11 -8.52 15.31
N ALA A 619 23.62 -7.69 16.22
CA ALA A 619 23.14 -6.37 15.84
C ALA A 619 24.40 -5.52 15.61
N PRO A 620 24.44 -4.79 14.49
CA PRO A 620 25.59 -3.94 14.16
C PRO A 620 25.61 -2.65 14.97
N ALA A 621 25.54 -2.78 16.29
CA ALA A 621 25.53 -1.63 17.18
C ALA A 621 26.93 -1.08 17.45
N SER A 622 27.02 0.24 17.59
CA SER A 622 28.29 0.90 17.87
C SER A 622 28.80 0.40 19.21
N GLU A 623 30.10 0.51 19.43
CA GLU A 623 30.68 0.05 20.68
C GLU A 623 30.18 0.91 21.84
N GLY A 624 29.86 0.27 22.96
CA GLY A 624 29.37 0.99 24.11
C GLY A 624 27.92 1.42 24.00
N ALA A 625 27.27 1.04 22.90
CA ALA A 625 25.86 1.38 22.71
C ALA A 625 25.05 0.90 23.90
N ARG A 626 23.99 1.64 24.23
CA ARG A 626 23.13 1.27 25.35
C ARG A 626 21.86 0.59 24.84
N PHE A 627 21.69 -0.68 25.18
CA PHE A 627 20.51 -1.42 24.74
C PHE A 627 19.27 -1.16 25.58
N LEU A 628 18.22 -0.72 24.91
CA LEU A 628 16.94 -0.44 25.56
C LEU A 628 16.10 -1.70 25.63
N LEU A 629 16.28 -2.57 24.64
CA LEU A 629 15.52 -3.81 24.57
C LEU A 629 16.37 -4.87 23.87
N GLY A 630 16.36 -6.08 24.39
CA GLY A 630 17.14 -7.15 23.79
C GLY A 630 18.63 -7.01 24.03
N SER A 631 19.41 -7.72 23.23
CA SER A 631 20.86 -7.70 23.34
C SER A 631 21.51 -7.70 21.96
N ARG A 632 22.82 -7.53 21.93
CA ARG A 632 23.57 -7.50 20.68
C ARG A 632 23.34 -8.79 19.90
N ARG A 633 23.23 -9.91 20.61
CA ARG A 633 22.97 -11.18 19.94
C ARG A 633 21.46 -11.27 19.78
N VAL A 634 20.99 -11.16 18.55
CA VAL A 634 19.55 -11.19 18.26
C VAL A 634 19.12 -12.57 17.80
N GLY A 635 18.32 -13.23 18.62
CA GLY A 635 17.85 -14.56 18.26
C GLY A 635 16.85 -14.50 17.13
N PRO A 636 16.55 -15.64 16.48
CA PRO A 636 15.58 -15.61 15.38
C PRO A 636 14.21 -15.19 15.87
N TYR A 637 13.49 -14.44 15.03
CA TYR A 637 12.14 -13.97 15.36
C TYR A 637 12.18 -13.04 16.57
N ASP A 638 13.33 -12.42 16.79
CA ASP A 638 13.51 -11.52 17.92
C ASP A 638 14.05 -10.19 17.43
N LEU A 639 14.25 -9.26 18.36
CA LEU A 639 14.73 -7.93 18.02
C LEU A 639 15.57 -7.31 19.11
N ALA A 640 16.18 -6.18 18.78
CA ALA A 640 17.00 -5.44 19.74
C ALA A 640 16.82 -3.96 19.42
N VAL A 641 16.92 -3.12 20.44
CA VAL A 641 16.78 -1.68 20.28
C VAL A 641 17.90 -1.05 21.11
N TRP A 642 18.61 -0.09 20.53
CA TRP A 642 19.70 0.55 21.26
C TRP A 642 19.91 2.00 20.87
N GLU A 643 20.64 2.72 21.73
CA GLU A 643 20.96 4.11 21.47
C GLU A 643 22.24 4.10 20.66
N GLU A 644 22.14 4.43 19.38
CA GLU A 644 23.30 4.44 18.47
C GLU A 644 24.06 5.76 18.57
#